data_3JQB
#
_entry.id   3JQB
#
_cell.length_a   74.671
_cell.length_b   90.433
_cell.length_c   82.564
_cell.angle_alpha   90.000
_cell.angle_beta   115.540
_cell.angle_gamma   90.000
#
_symmetry.space_group_name_H-M   'P 1 21 1'
#
loop_
_entity.id
_entity.type
_entity.pdbx_description
1 polymer 'Pteridine reductase 1'
2 polymer 'Pteridine reductase 1'
3 non-polymer 'NADP NICOTINAMIDE-ADENINE-DINUCLEOTIDE PHOSPHATE'
4 non-polymer 2-amino-5-(2-phenylethyl)-3,7-dihydro-4H-pyrrolo[2,3-d]pyrimidin-4-one
5 non-polymer 2,3-DIHYDROXY-1,4-DITHIOBUTANE
6 water water
#
loop_
_entity_poly.entity_id
_entity_poly.type
_entity_poly.pdbx_seq_one_letter_code
_entity_poly.pdbx_strand_id
1 'polypeptide(L)'
;MGSSHHHHHHSSGLVPRGSHMEAPAAVVTGAAKRIGRAIAVKLHQTGYRVVIHYHNSAEAAVSLADELNKERSNTAVVCQ
ADLTNSNVLPASCEEIINSCFRAFGRCDVLVNNASAFYPTPLVQGDHEDNSNGKTVETQVAELIGTNAIAPFLLTMSFAQ
RQKGTNPNCTSSNLSIVNLCDAMVDQPCMAFSLYNMGKHALVGLTQSAALELAPYGIRVNGVAPGVSLLPVAMGEEEKDK
WRRKVPLGRREASAEQIADAVIFLVSGSAQYITGSIIKVDGGLSLVHA
;
A,B,D
2 'polypeptide(L)'
;MGSSHHHHHHSSGLVPRGSHMEAPAAVVTGAAKRIGRAIAVKLHQTGYRVVIHYHNSAEAAVSLADELNKERSNTAVVCQ
ADLTNSNVLPASCEEIINSCFRAFGRCDVLVNNASAFYPTPLVQGDHEDNSNGKTVETQVAELIGTNAIAPFLLTMSFAQ
RQKGTNPNCTSSNLSIVNLCDAMVDQP(CSX)MAFSLYNMGKHALVGLTQSAALELAPYGIRVNGVAPGVSLLPVAMGEE
EKDKWRRKVPLGRREASAEQIADAVIFLVSGSAQYITGSIIKVDGGLSLVHA
;
C
#
loop_
_chem_comp.id
_chem_comp.type
_chem_comp.name
_chem_comp.formula
DTT non-polymer 2,3-DIHYDROXY-1,4-DITHIOBUTANE 'C4 H10 O2 S2'
DX6 non-polymer 2-amino-5-(2-phenylethyl)-3,7-dihydro-4H-pyrrolo[2,3-d]pyrimidin-4-one 'C14 H14 N4 O'
NAP non-polymer 'NADP NICOTINAMIDE-ADENINE-DINUCLEOTIDE PHOSPHATE' 'C21 H28 N7 O17 P3'
#
# COMPACT_ATOMS: atom_id res chain seq x y z
N GLU A 22 25.47 -22.04 24.31
CA GLU A 22 24.46 -22.96 23.71
C GLU A 22 23.83 -22.37 22.45
N ALA A 23 23.70 -23.21 21.42
CA ALA A 23 23.22 -22.78 20.11
C ALA A 23 21.71 -22.62 20.07
N PRO A 24 21.23 -21.54 19.42
CA PRO A 24 19.79 -21.32 19.24
C PRO A 24 19.17 -22.32 18.26
N ALA A 25 17.86 -22.47 18.33
CA ALA A 25 17.15 -23.47 17.52
C ALA A 25 16.07 -22.85 16.64
N ALA A 26 15.91 -23.41 15.45
CA ALA A 26 14.97 -22.89 14.47
C ALA A 26 14.08 -23.98 13.89
N VAL A 27 12.80 -23.64 13.69
CA VAL A 27 11.87 -24.48 12.93
C VAL A 27 11.69 -23.85 11.55
N VAL A 28 11.93 -24.66 10.50
CA VAL A 28 11.68 -24.25 9.12
C VAL A 28 10.70 -25.23 8.50
N THR A 29 9.53 -24.73 8.10
CA THR A 29 8.52 -25.55 7.44
C THR A 29 8.83 -25.74 5.96
N GLY A 30 8.44 -26.89 5.42
CA GLY A 30 8.76 -27.28 4.04
C GLY A 30 10.23 -27.14 3.70
N ALA A 31 11.09 -27.68 4.56
CA ALA A 31 12.53 -27.46 4.47
C ALA A 31 13.32 -28.53 3.73
N ALA A 32 12.64 -29.54 3.19
CA ALA A 32 13.31 -30.66 2.51
C ALA A 32 14.07 -30.25 1.24
N LYS A 33 13.52 -29.29 0.50
CA LYS A 33 14.12 -28.85 -0.75
C LYS A 33 13.93 -27.35 -1.02
N ARG A 34 14.56 -26.87 -2.08
CA ARG A 34 14.36 -25.52 -2.61
C ARG A 34 14.68 -24.39 -1.62
N ILE A 35 13.77 -23.42 -1.51
CA ILE A 35 14.01 -22.23 -0.68
C ILE A 35 14.04 -22.56 0.80
N GLY A 36 13.14 -23.45 1.22
CA GLY A 36 13.07 -23.90 2.61
C GLY A 36 14.36 -24.56 3.07
N ARG A 37 14.96 -25.35 2.18
CA ARG A 37 16.24 -26.00 2.44
C ARG A 37 17.36 -24.98 2.54
N ALA A 38 17.38 -24.03 1.61
CA ALA A 38 18.37 -22.95 1.61
C ALA A 38 18.34 -22.14 2.90
N ILE A 39 17.14 -21.89 3.41
CA ILE A 39 16.99 -21.20 4.70
C ILE A 39 17.50 -22.09 5.84
N ALA A 40 17.14 -23.37 5.81
CA ALA A 40 17.61 -24.35 6.81
C ALA A 40 19.14 -24.50 6.81
N VAL A 41 19.72 -24.59 5.62
CA VAL A 41 21.18 -24.65 5.45
C VAL A 41 21.87 -23.40 5.99
N LYS A 42 21.39 -22.23 5.58
CA LYS A 42 22.00 -20.95 5.97
C LYS A 42 21.85 -20.66 7.47
N LEU A 43 20.73 -21.06 8.05
CA LEU A 43 20.53 -20.94 9.50
C LEU A 43 21.51 -21.84 10.26
N HIS A 44 21.72 -23.04 9.73
CA HIS A 44 22.70 -23.99 10.29
C HIS A 44 24.13 -23.46 10.17
N GLN A 45 24.43 -22.83 9.03
CA GLN A 45 25.74 -22.20 8.80
C GLN A 45 25.97 -20.99 9.71
N THR A 46 24.89 -20.39 10.18
CA THR A 46 24.93 -19.29 11.16
C THR A 46 25.13 -19.85 12.57
N GLY A 47 24.87 -21.15 12.73
CA GLY A 47 25.05 -21.83 14.02
C GLY A 47 23.76 -22.24 14.70
N TYR A 48 22.66 -22.23 13.95
CA TYR A 48 21.38 -22.70 14.46
C TYR A 48 21.28 -24.21 14.37
N ARG A 49 20.62 -24.79 15.37
CA ARG A 49 20.16 -26.17 15.28
C ARG A 49 18.76 -26.11 14.66
N VAL A 50 18.51 -26.95 13.66
CA VAL A 50 17.29 -26.83 12.86
C VAL A 50 16.35 -28.03 12.95
N VAL A 51 15.05 -27.74 12.95
CA VAL A 51 14.02 -28.76 12.75
C VAL A 51 13.59 -28.67 11.30
N ILE A 52 13.85 -29.73 10.55
CA ILE A 52 13.54 -29.77 9.13
C ILE A 52 12.16 -30.37 8.92
N HIS A 53 11.16 -29.50 8.76
CA HIS A 53 9.80 -29.97 8.52
C HIS A 53 9.58 -30.32 7.05
N TYR A 54 8.86 -31.40 6.82
CA TYR A 54 8.51 -31.86 5.48
C TYR A 54 7.12 -32.49 5.48
N HIS A 55 6.54 -32.67 4.30
CA HIS A 55 5.27 -33.38 4.19
C HIS A 55 5.44 -34.71 3.45
N ASN A 56 5.60 -34.65 2.13
CA ASN A 56 5.81 -35.85 1.31
C ASN A 56 7.30 -36.17 1.08
N SER A 57 8.15 -35.16 1.12
CA SER A 57 9.56 -35.33 0.76
C SER A 57 10.42 -35.92 1.88
N ALA A 58 10.19 -37.21 2.16
CA ALA A 58 10.87 -37.92 3.25
C ALA A 58 12.36 -38.11 3.02
N GLU A 59 12.72 -38.56 1.82
CA GLU A 59 14.11 -38.88 1.49
C GLU A 59 15.00 -37.65 1.44
N ALA A 60 14.50 -36.58 0.83
CA ALA A 60 15.24 -35.31 0.74
C ALA A 60 15.43 -34.65 2.11
N ALA A 61 14.45 -34.83 2.99
CA ALA A 61 14.52 -34.31 4.35
C ALA A 61 15.51 -35.06 5.23
N VAL A 62 15.46 -36.39 5.14
CA VAL A 62 16.42 -37.26 5.85
C VAL A 62 17.84 -37.02 5.34
N SER A 63 18.00 -36.88 4.03
CA SER A 63 19.31 -36.62 3.43
C SER A 63 19.87 -35.24 3.78
N LEU A 64 19.01 -34.24 3.91
CA LEU A 64 19.43 -32.90 4.34
C LEU A 64 19.92 -32.91 5.79
N ALA A 65 19.14 -33.54 6.67
CA ALA A 65 19.50 -33.67 8.08
C ALA A 65 20.84 -34.41 8.26
N ASP A 66 21.08 -35.41 7.41
CA ASP A 66 22.33 -36.17 7.43
C ASP A 66 23.53 -35.31 7.05
N GLU A 67 23.37 -34.46 6.03
CA GLU A 67 24.43 -33.55 5.59
C GLU A 67 24.78 -32.51 6.65
N LEU A 68 23.78 -32.09 7.42
CA LEU A 68 23.97 -31.08 8.47
C LEU A 68 24.50 -31.69 9.78
N ASN A 69 24.08 -32.92 10.08
CA ASN A 69 24.58 -33.64 11.26
C ASN A 69 26.03 -34.13 11.09
N LYS A 70 26.47 -34.31 9.85
CA LYS A 70 27.85 -34.68 9.57
C LYS A 70 28.79 -33.47 9.73
N GLU A 71 28.20 -32.28 9.65
CA GLU A 71 28.91 -31.03 9.85
C GLU A 71 29.05 -30.75 11.36
N ARG A 72 27.93 -30.87 12.08
CA ARG A 72 27.89 -30.77 13.54
C ARG A 72 26.85 -31.76 14.06
N SER A 73 27.29 -32.71 14.88
CA SER A 73 26.42 -33.78 15.39
C SER A 73 25.27 -33.28 16.27
N ASN A 74 24.10 -33.88 16.07
CA ASN A 74 22.87 -33.52 16.79
C ASN A 74 22.45 -32.05 16.65
N THR A 75 22.41 -31.58 15.41
CA THR A 75 21.98 -30.21 15.13
C THR A 75 20.81 -30.16 14.13
N ALA A 76 20.48 -31.30 13.55
CA ALA A 76 19.38 -31.40 12.59
C ALA A 76 18.48 -32.59 12.84
N VAL A 77 17.18 -32.32 13.01
CA VAL A 77 16.15 -33.36 13.09
C VAL A 77 15.07 -33.12 12.02
N VAL A 78 14.36 -34.17 11.65
CA VAL A 78 13.22 -34.05 10.72
C VAL A 78 11.89 -34.12 11.47
N CYS A 79 10.84 -33.58 10.85
CA CYS A 79 9.49 -33.59 11.44
C CYS A 79 8.42 -33.62 10.36
N GLN A 80 7.68 -34.72 10.29
CA GLN A 80 6.62 -34.89 9.30
C GLN A 80 5.29 -34.39 9.84
N ALA A 81 4.61 -33.58 9.03
CA ALA A 81 3.28 -33.08 9.33
C ALA A 81 2.60 -32.57 8.06
N ASP A 82 1.31 -32.87 7.93
CA ASP A 82 0.49 -32.26 6.89
C ASP A 82 -0.06 -30.95 7.43
N LEU A 83 0.10 -29.87 6.65
CA LEU A 83 -0.32 -28.54 7.08
C LEU A 83 -1.62 -28.06 6.43
N THR A 84 -2.32 -29.00 5.78
CA THR A 84 -3.67 -28.79 5.26
C THR A 84 -4.61 -28.46 6.42
N ASN A 85 -5.51 -27.51 6.21
CA ASN A 85 -6.49 -27.15 7.24
C ASN A 85 -7.45 -28.28 7.59
N SER A 86 -7.58 -28.54 8.89
CA SER A 86 -8.49 -29.54 9.44
C SER A 86 -8.61 -29.30 10.94
N ASN A 87 -9.48 -30.07 11.60
CA ASN A 87 -9.68 -29.97 13.04
C ASN A 87 -8.52 -30.53 13.89
N VAL A 88 -7.56 -31.18 13.23
CA VAL A 88 -6.39 -31.73 13.93
C VAL A 88 -5.13 -30.88 13.66
N LEU A 89 -5.26 -29.92 12.74
CA LEU A 89 -4.15 -29.04 12.38
C LEU A 89 -3.54 -28.29 13.58
N PRO A 90 -4.38 -27.72 14.47
CA PRO A 90 -3.83 -27.09 15.68
C PRO A 90 -2.92 -28.01 16.49
N ALA A 91 -3.23 -29.30 16.52
CA ALA A 91 -2.41 -30.27 17.24
C ALA A 91 -1.11 -30.61 16.50
N SER A 92 -1.20 -30.70 15.18
CA SER A 92 -0.03 -30.91 14.32
C SER A 92 0.99 -29.78 14.44
N CYS A 93 0.50 -28.54 14.44
CA CYS A 93 1.35 -27.36 14.60
C CYS A 93 1.98 -27.26 15.98
N GLU A 94 1.22 -27.65 17.00
CA GLU A 94 1.71 -27.67 18.38
C GLU A 94 2.83 -28.72 18.52
N GLU A 95 2.69 -29.84 17.81
CA GLU A 95 3.69 -30.90 17.83
C GLU A 95 4.98 -30.51 17.11
N ILE A 96 4.86 -29.84 15.97
CA ILE A 96 6.03 -29.30 15.26
C ILE A 96 6.90 -28.46 16.21
N ILE A 97 6.25 -27.56 16.94
CA ILE A 97 6.92 -26.70 17.91
C ILE A 97 7.49 -27.49 19.08
N ASN A 98 6.73 -28.48 19.56
CA ASN A 98 7.19 -29.37 20.64
C ASN A 98 8.41 -30.23 20.24
N SER A 99 8.51 -30.54 18.95
CA SER A 99 9.61 -31.35 18.43
CA SER A 99 9.61 -31.35 18.43
C SER A 99 10.95 -30.60 18.47
N CYS A 100 10.86 -29.26 18.49
CA CYS A 100 12.06 -28.43 18.60
C CYS A 100 12.56 -28.42 20.05
N PHE A 101 11.61 -28.25 20.99
CA PHE A 101 11.93 -28.24 22.41
C PHE A 101 12.42 -29.59 22.93
N ARG A 102 11.94 -30.68 22.34
CA ARG A 102 12.39 -32.02 22.72
C ARG A 102 13.82 -32.28 22.27
N ALA A 103 14.11 -31.94 21.02
CA ALA A 103 15.43 -32.16 20.42
C ALA A 103 16.50 -31.19 20.93
N PHE A 104 16.12 -29.94 21.16
CA PHE A 104 17.09 -28.87 21.42
C PHE A 104 16.86 -28.05 22.70
N GLY A 105 15.71 -28.23 23.34
CA GLY A 105 15.42 -27.58 24.61
C GLY A 105 14.98 -26.12 24.50
N ARG A 106 14.84 -25.64 23.27
CA ARG A 106 14.44 -24.25 23.00
C ARG A 106 13.93 -24.07 21.57
N CYS A 107 13.20 -22.98 21.34
CA CYS A 107 12.81 -22.58 19.99
C CYS A 107 12.93 -21.06 19.86
N ASP A 108 13.94 -20.62 19.13
CA ASP A 108 14.22 -19.19 18.97
C ASP A 108 13.62 -18.62 17.69
N VAL A 109 13.64 -19.42 16.63
CA VAL A 109 13.22 -18.96 15.30
C VAL A 109 12.16 -19.90 14.69
N LEU A 110 11.12 -19.29 14.13
CA LEU A 110 10.14 -20.01 13.31
C LEU A 110 10.11 -19.40 11.92
N VAL A 111 10.22 -20.24 10.90
CA VAL A 111 10.17 -19.81 9.50
C VAL A 111 9.02 -20.50 8.79
N ASN A 112 8.01 -19.73 8.44
CA ASN A 112 6.82 -20.24 7.76
C ASN A 112 7.03 -20.23 6.25
N ASN A 113 7.51 -21.34 5.73
CA ASN A 113 7.95 -21.45 4.35
C ASN A 113 7.06 -22.38 3.49
N ALA A 114 6.47 -23.39 4.14
CA ALA A 114 5.65 -24.39 3.46
C ALA A 114 4.44 -23.75 2.81
N SER A 115 4.14 -24.17 1.58
CA SER A 115 3.11 -23.52 0.79
C SER A 115 2.63 -24.40 -0.37
N ALA A 116 1.31 -24.54 -0.49
CA ALA A 116 0.69 -25.14 -1.66
C ALA A 116 0.52 -24.05 -2.72
N PHE A 117 0.71 -24.42 -3.98
CA PHE A 117 0.68 -23.45 -5.07
C PHE A 117 0.14 -24.09 -6.35
N TYR A 118 -1.09 -23.74 -6.69
CA TYR A 118 -1.76 -24.22 -7.90
C TYR A 118 -3.03 -23.42 -8.18
N PRO A 119 -3.42 -23.29 -9.47
CA PRO A 119 -4.58 -22.47 -9.84
C PRO A 119 -5.92 -22.99 -9.30
N THR A 120 -6.83 -22.05 -9.03
CA THR A 120 -8.21 -22.36 -8.64
C THR A 120 -9.15 -21.38 -9.34
N PRO A 121 -9.46 -21.62 -10.63
CA PRO A 121 -10.24 -20.67 -11.43
C PRO A 121 -11.66 -20.48 -10.90
N LEU A 122 -12.18 -19.26 -11.04
CA LEU A 122 -13.53 -18.93 -10.58
C LEU A 122 -14.60 -19.39 -11.57
N VAL A 123 -14.20 -19.61 -12.83
CA VAL A 123 -15.09 -20.14 -13.86
C VAL A 123 -14.51 -21.41 -14.46
N GLY A 133 -10.52 -34.06 -10.44
CA GLY A 133 -9.44 -33.82 -9.49
C GLY A 133 -9.93 -33.41 -8.11
N LYS A 134 -9.20 -32.50 -7.48
CA LYS A 134 -9.49 -32.03 -6.12
C LYS A 134 -10.82 -31.29 -6.02
N THR A 135 -11.52 -31.54 -4.91
CA THR A 135 -12.75 -30.81 -4.58
C THR A 135 -12.39 -29.41 -4.10
N VAL A 136 -13.35 -28.49 -4.14
CA VAL A 136 -13.09 -27.11 -3.74
C VAL A 136 -12.75 -27.00 -2.26
N GLU A 137 -13.39 -27.83 -1.44
CA GLU A 137 -13.10 -27.88 -0.01
C GLU A 137 -11.69 -28.38 0.29
N THR A 138 -11.17 -29.24 -0.59
CA THR A 138 -9.78 -29.70 -0.48
C THR A 138 -8.81 -28.59 -0.89
N GLN A 139 -9.12 -27.92 -2.00
CA GLN A 139 -8.33 -26.78 -2.47
C GLN A 139 -8.25 -25.66 -1.44
N VAL A 140 -9.41 -25.31 -0.88
CA VAL A 140 -9.49 -24.31 0.20
C VAL A 140 -8.61 -24.71 1.39
N ALA A 141 -8.75 -25.96 1.82
CA ALA A 141 -8.01 -26.47 2.97
C ALA A 141 -6.50 -26.48 2.77
N GLU A 142 -6.05 -26.77 1.55
CA GLU A 142 -4.63 -26.81 1.22
C GLU A 142 -4.03 -25.42 1.01
N LEU A 143 -4.71 -24.59 0.21
CA LEU A 143 -4.16 -23.29 -0.15
C LEU A 143 -4.24 -22.27 0.98
N ILE A 144 -5.34 -22.27 1.73
CA ILE A 144 -5.47 -21.37 2.89
C ILE A 144 -4.77 -21.96 4.11
N GLY A 145 -4.86 -23.28 4.26
CA GLY A 145 -4.23 -23.99 5.37
C GLY A 145 -2.73 -23.80 5.45
N THR A 146 -2.03 -24.11 4.36
CA THR A 146 -0.57 -24.02 4.32
C THR A 146 -0.06 -22.58 4.33
N ASN A 147 -0.74 -21.72 3.58
CA ASN A 147 -0.31 -20.34 3.40
C ASN A 147 -0.66 -19.37 4.53
N ALA A 148 -1.69 -19.70 5.31
CA ALA A 148 -2.22 -18.76 6.31
C ALA A 148 -2.57 -19.37 7.67
N ILE A 149 -3.31 -20.47 7.66
CA ILE A 149 -3.87 -21.05 8.89
C ILE A 149 -2.80 -21.78 9.74
N ALA A 150 -2.03 -22.66 9.11
CA ALA A 150 -0.91 -23.32 9.81
C ALA A 150 0.09 -22.31 10.38
N PRO A 151 0.56 -21.31 9.58
CA PRO A 151 1.39 -20.24 10.13
C PRO A 151 0.80 -19.54 11.36
N PHE A 152 -0.52 -19.34 11.38
CA PHE A 152 -1.22 -18.74 12.52
C PHE A 152 -1.15 -19.66 13.75
N LEU A 153 -1.41 -20.94 13.55
CA LEU A 153 -1.39 -21.92 14.63
C LEU A 153 0.04 -22.20 15.11
N LEU A 154 0.99 -22.17 14.18
CA LEU A 154 2.41 -22.28 14.52
C LEU A 154 2.91 -21.08 15.32
N THR A 155 2.42 -19.89 14.96
CA THR A 155 2.69 -18.66 15.71
C THR A 155 2.14 -18.73 17.12
N MET A 156 0.90 -19.19 17.26
CA MET A 156 0.28 -19.44 18.56
C MET A 156 1.15 -20.33 19.45
N SER A 157 1.50 -21.50 18.93
CA SER A 157 2.28 -22.49 19.68
C SER A 157 3.68 -21.99 20.02
N PHE A 158 4.36 -21.40 19.03
CA PHE A 158 5.67 -20.80 19.24
C PHE A 158 5.65 -19.85 20.42
N ALA A 159 4.72 -18.89 20.39
CA ALA A 159 4.58 -17.89 21.46
C ALA A 159 4.18 -18.50 22.80
N GLN A 160 3.27 -19.48 22.77
CA GLN A 160 2.77 -20.11 24.00
C GLN A 160 3.77 -21.02 24.69
N ARG A 161 4.72 -21.57 23.92
CA ARG A 161 5.79 -22.40 24.48
C ARG A 161 6.88 -21.59 25.19
N GLN A 162 6.95 -20.29 24.92
CA GLN A 162 7.95 -19.41 25.54
C GLN A 162 7.60 -19.10 27.00
N SER A 172 18.22 -13.19 24.62
CA SER A 172 17.28 -13.89 23.75
C SER A 172 16.93 -13.06 22.52
N ASN A 173 16.85 -13.74 21.38
CA ASN A 173 16.51 -13.11 20.12
C ASN A 173 15.45 -13.93 19.37
N LEU A 174 14.20 -13.79 19.82
CA LEU A 174 13.08 -14.55 19.24
C LEU A 174 12.48 -13.81 18.04
N SER A 175 12.25 -14.55 16.96
CA SER A 175 11.63 -14.00 15.75
C SER A 175 10.90 -15.05 14.92
N ILE A 176 9.84 -14.60 14.23
CA ILE A 176 9.13 -15.40 13.25
C ILE A 176 9.27 -14.71 11.89
N VAL A 177 9.56 -15.51 10.85
CA VAL A 177 9.67 -14.99 9.49
C VAL A 177 8.70 -15.73 8.56
N ASN A 178 7.80 -14.95 7.95
CA ASN A 178 6.79 -15.49 7.05
C ASN A 178 7.20 -15.30 5.60
N LEU A 179 7.15 -16.39 4.83
CA LEU A 179 7.48 -16.32 3.42
C LEU A 179 6.25 -15.89 2.62
N CYS A 180 6.27 -14.63 2.17
CA CYS A 180 5.11 -14.03 1.52
C CYS A 180 5.27 -14.05 -0.01
N ASP A 181 4.72 -13.04 -0.69
CA ASP A 181 4.74 -12.96 -2.14
C ASP A 181 4.72 -11.49 -2.56
N ALA A 182 5.78 -11.05 -3.24
CA ALA A 182 5.88 -9.66 -3.69
C ALA A 182 4.86 -9.32 -4.77
N MET A 183 4.27 -10.34 -5.38
CA MET A 183 3.27 -10.14 -6.44
C MET A 183 1.82 -10.22 -5.95
N VAL A 184 1.61 -10.06 -4.64
CA VAL A 184 0.25 -10.11 -4.05
C VAL A 184 -0.74 -9.11 -4.66
N ASP A 185 -0.27 -7.89 -4.96
CA ASP A 185 -1.13 -6.86 -5.55
C ASP A 185 -1.26 -6.98 -7.06
N GLN A 186 -0.39 -7.78 -7.67
CA GLN A 186 -0.45 -8.06 -9.10
C GLN A 186 -0.51 -9.57 -9.34
N PRO A 187 -1.63 -10.20 -8.96
CA PRO A 187 -1.70 -11.66 -8.88
C PRO A 187 -1.73 -12.35 -10.24
N CYS A 188 -1.27 -13.61 -10.28
CA CYS A 188 -1.39 -14.43 -11.47
C CYS A 188 -2.84 -14.81 -11.70
N MET A 189 -3.20 -14.97 -12.97
CA MET A 189 -4.57 -15.29 -13.39
C MET A 189 -5.02 -16.64 -12.83
N ALA A 190 -6.22 -16.65 -12.24
CA ALA A 190 -6.88 -17.86 -11.70
C ALA A 190 -6.23 -18.46 -10.44
N PHE A 191 -5.53 -17.63 -9.68
CA PHE A 191 -4.89 -18.06 -8.43
C PHE A 191 -5.51 -17.36 -7.21
N SER A 192 -6.84 -17.26 -7.17
CA SER A 192 -7.54 -16.53 -6.11
CA SER A 192 -7.54 -16.54 -6.11
C SER A 192 -7.24 -17.07 -4.71
N LEU A 193 -7.44 -18.38 -4.52
CA LEU A 193 -7.24 -18.99 -3.19
C LEU A 193 -5.80 -18.89 -2.70
N TYR A 194 -4.85 -19.04 -3.62
CA TYR A 194 -3.44 -18.83 -3.29
C TYR A 194 -3.17 -17.36 -2.92
N ASN A 195 -3.73 -16.44 -3.70
CA ASN A 195 -3.58 -15.01 -3.44
C ASN A 195 -4.22 -14.59 -2.12
N MET A 196 -5.39 -15.15 -1.84
CA MET A 196 -6.10 -14.92 -0.57
C MET A 196 -5.28 -15.42 0.62
N GLY A 197 -4.61 -16.56 0.43
CA GLY A 197 -3.77 -17.15 1.45
C GLY A 197 -2.56 -16.30 1.82
N LYS A 198 -1.89 -15.77 0.80
CA LYS A 198 -0.71 -14.92 1.00
C LYS A 198 -1.07 -13.53 1.53
N HIS A 199 -2.26 -13.04 1.18
CA HIS A 199 -2.79 -11.80 1.73
C HIS A 199 -3.08 -11.95 3.22
N ALA A 200 -3.65 -13.11 3.58
CA ALA A 200 -3.94 -13.42 4.98
C ALA A 200 -2.65 -13.55 5.78
N LEU A 201 -1.59 -14.01 5.11
CA LEU A 201 -0.26 -14.12 5.71
C LEU A 201 0.38 -12.75 6.00
N VAL A 202 0.17 -11.78 5.11
CA VAL A 202 0.54 -10.38 5.35
C VAL A 202 -0.21 -9.85 6.58
N GLY A 203 -1.51 -10.09 6.63
CA GLY A 203 -2.34 -9.73 7.79
C GLY A 203 -1.85 -10.32 9.10
N LEU A 204 -1.53 -11.62 9.08
CA LEU A 204 -0.97 -12.31 10.24
C LEU A 204 0.36 -11.69 10.69
N THR A 205 1.25 -11.46 9.72
CA THR A 205 2.55 -10.87 10.00
C THR A 205 2.42 -9.54 10.75
N GLN A 206 1.47 -8.70 10.31
CA GLN A 206 1.22 -7.41 10.95
C GLN A 206 0.51 -7.56 12.30
N SER A 207 -0.46 -8.46 12.36
CA SER A 207 -1.23 -8.73 13.58
C SER A 207 -0.38 -9.34 14.69
N ALA A 208 0.39 -10.36 14.33
CA ALA A 208 1.31 -11.03 15.27
C ALA A 208 2.46 -10.12 15.70
N ALA A 209 2.94 -9.26 14.81
CA ALA A 209 3.98 -8.31 15.15
C ALA A 209 3.52 -7.37 16.25
N LEU A 210 2.30 -6.87 16.11
CA LEU A 210 1.68 -5.99 17.10
C LEU A 210 1.49 -6.67 18.46
N GLU A 211 0.88 -7.86 18.44
CA GLU A 211 0.52 -8.58 19.66
C GLU A 211 1.69 -9.25 20.38
N LEU A 212 2.69 -9.70 19.63
CA LEU A 212 3.82 -10.43 20.24
C LEU A 212 5.01 -9.53 20.60
N ALA A 213 4.95 -8.27 20.19
CA ALA A 213 5.99 -7.28 20.51
C ALA A 213 6.25 -7.08 22.01
N PRO A 214 5.19 -7.03 22.86
CA PRO A 214 5.40 -6.98 24.31
C PRO A 214 6.18 -8.17 24.87
N TYR A 215 6.06 -9.33 24.23
CA TYR A 215 6.75 -10.56 24.63
C TYR A 215 8.17 -10.63 24.07
N GLY A 216 8.53 -9.66 23.23
CA GLY A 216 9.86 -9.63 22.62
C GLY A 216 10.01 -10.52 21.41
N ILE A 217 8.89 -10.92 20.82
CA ILE A 217 8.90 -11.71 19.58
C ILE A 217 8.65 -10.80 18.37
N ARG A 218 9.62 -10.74 17.48
CA ARG A 218 9.51 -9.96 16.26
C ARG A 218 8.89 -10.82 15.17
N VAL A 219 7.90 -10.28 14.47
CA VAL A 219 7.28 -11.01 13.35
C VAL A 219 7.47 -10.23 12.05
N ASN A 220 8.21 -10.84 11.13
CA ASN A 220 8.51 -10.21 9.85
C ASN A 220 8.22 -11.12 8.68
N GLY A 221 8.40 -10.60 7.47
CA GLY A 221 8.19 -11.36 6.26
C GLY A 221 9.24 -11.12 5.19
N VAL A 222 9.45 -12.13 4.35
CA VAL A 222 10.25 -12.00 3.14
C VAL A 222 9.38 -12.33 1.93
N ALA A 223 9.36 -11.43 0.95
CA ALA A 223 8.50 -11.57 -0.22
C ALA A 223 9.29 -11.65 -1.54
N PRO A 224 9.51 -12.88 -2.04
CA PRO A 224 10.14 -13.08 -3.34
C PRO A 224 9.19 -12.76 -4.50
N GLY A 225 9.77 -12.35 -5.63
CA GLY A 225 9.02 -12.20 -6.88
C GLY A 225 9.08 -13.53 -7.61
N VAL A 226 10.09 -13.68 -8.47
CA VAL A 226 10.41 -14.99 -9.03
C VAL A 226 11.76 -15.49 -8.53
N SER A 227 11.72 -16.59 -7.79
CA SER A 227 12.91 -17.27 -7.31
C SER A 227 13.00 -18.59 -8.08
N LEU A 228 13.25 -19.69 -7.37
CA LEU A 228 13.21 -21.01 -7.99
C LEU A 228 11.84 -21.28 -8.60
N LEU A 229 11.82 -21.41 -9.92
CA LEU A 229 10.60 -21.64 -10.68
C LEU A 229 10.11 -23.09 -10.51
N PRO A 230 8.80 -23.34 -10.78
CA PRO A 230 8.25 -24.69 -10.64
C PRO A 230 8.97 -25.73 -11.49
N VAL A 231 9.11 -26.95 -10.96
CA VAL A 231 9.84 -28.02 -11.63
C VAL A 231 9.12 -28.53 -12.89
N ALA A 232 7.80 -28.40 -12.92
CA ALA A 232 6.98 -28.81 -14.07
C ALA A 232 6.84 -27.70 -15.12
N MET A 233 7.44 -26.54 -14.85
CA MET A 233 7.42 -25.41 -15.77
C MET A 233 8.46 -25.60 -16.87
N GLY A 234 8.02 -25.49 -18.13
CA GLY A 234 8.91 -25.58 -19.28
C GLY A 234 9.87 -24.42 -19.36
N GLU A 235 11.04 -24.67 -19.96
CA GLU A 235 12.12 -23.69 -20.04
C GLU A 235 11.75 -22.39 -20.76
N GLU A 236 10.92 -22.49 -21.80
CA GLU A 236 10.44 -21.32 -22.54
C GLU A 236 9.55 -20.44 -21.66
N GLU A 237 8.78 -21.07 -20.79
CA GLU A 237 7.93 -20.36 -19.84
C GLU A 237 8.76 -19.73 -18.71
N LYS A 238 9.83 -20.41 -18.32
CA LYS A 238 10.79 -19.91 -17.33
C LYS A 238 11.47 -18.62 -17.79
N ASP A 239 11.98 -18.62 -19.03
CA ASP A 239 12.68 -17.48 -19.61
C ASP A 239 11.79 -16.27 -19.82
N LYS A 240 10.50 -16.52 -20.05
CA LYS A 240 9.51 -15.46 -20.19
C LYS A 240 9.42 -14.62 -18.92
N TRP A 241 9.44 -15.30 -17.77
CA TRP A 241 9.41 -14.64 -16.47
C TRP A 241 10.75 -14.02 -16.09
N ARG A 242 11.83 -14.65 -16.51
CA ARG A 242 13.19 -14.14 -16.29
C ARG A 242 13.40 -12.81 -17.00
N ARG A 243 12.93 -12.71 -18.24
CA ARG A 243 13.04 -11.48 -19.04
C ARG A 243 12.25 -10.30 -18.47
N LYS A 244 11.35 -10.58 -17.52
CA LYS A 244 10.53 -9.54 -16.89
C LYS A 244 11.26 -8.83 -15.74
N VAL A 245 12.34 -9.44 -15.26
CA VAL A 245 13.05 -8.94 -14.07
C VAL A 245 14.09 -7.88 -14.45
N PRO A 246 13.89 -6.63 -14.00
CA PRO A 246 14.81 -5.54 -14.32
C PRO A 246 16.25 -5.79 -13.84
N LEU A 247 16.41 -6.30 -12.63
CA LEU A 247 17.75 -6.53 -12.06
C LEU A 247 18.34 -7.89 -12.47
N GLY A 248 19.08 -7.89 -13.58
CA GLY A 248 19.79 -9.07 -14.05
C GLY A 248 19.06 -9.98 -15.02
N ARG A 249 17.78 -9.68 -15.26
CA ARG A 249 16.91 -10.48 -16.14
C ARG A 249 16.93 -11.98 -15.75
N ARG A 250 16.88 -12.24 -14.45
CA ARG A 250 16.95 -13.61 -13.94
C ARG A 250 16.17 -13.74 -12.63
N GLU A 251 16.01 -14.98 -12.17
CA GLU A 251 15.32 -15.24 -10.91
C GLU A 251 16.27 -15.15 -9.72
N ALA A 252 15.72 -14.96 -8.53
CA ALA A 252 16.50 -15.04 -7.30
C ALA A 252 16.97 -16.47 -7.09
N SER A 253 18.21 -16.63 -6.64
CA SER A 253 18.64 -17.92 -6.13
C SER A 253 17.98 -18.11 -4.78
N ALA A 254 17.83 -19.36 -4.36
CA ALA A 254 17.26 -19.66 -3.06
C ALA A 254 18.10 -19.02 -1.94
N GLU A 255 19.41 -18.94 -2.17
CA GLU A 255 20.37 -18.36 -1.20
C GLU A 255 20.12 -16.87 -0.98
N GLN A 256 19.71 -16.18 -2.04
CA GLN A 256 19.39 -14.75 -1.97
C GLN A 256 18.13 -14.50 -1.13
N ILE A 257 17.18 -15.44 -1.16
CA ILE A 257 16.00 -15.38 -0.30
C ILE A 257 16.38 -15.63 1.17
N ALA A 258 17.17 -16.70 1.38
CA ALA A 258 17.66 -17.08 2.70
C ALA A 258 18.51 -15.98 3.38
N ASP A 259 19.23 -15.19 2.57
CA ASP A 259 20.01 -14.05 3.07
C ASP A 259 19.16 -13.01 3.79
N ALA A 260 17.97 -12.73 3.25
CA ALA A 260 17.05 -11.75 3.84
C ALA A 260 16.38 -12.32 5.10
N VAL A 261 16.10 -13.62 5.07
CA VAL A 261 15.58 -14.33 6.25
C VAL A 261 16.61 -14.27 7.39
N ILE A 262 17.88 -14.51 7.06
CA ILE A 262 18.97 -14.51 8.04
C ILE A 262 19.25 -13.11 8.60
N PHE A 263 19.09 -12.08 7.78
CA PHE A 263 19.19 -10.70 8.26
C PHE A 263 18.09 -10.39 9.28
N LEU A 264 16.86 -10.82 8.98
CA LEU A 264 15.70 -10.53 9.83
C LEU A 264 15.75 -11.22 11.20
N VAL A 265 16.41 -12.38 11.27
CA VAL A 265 16.54 -13.11 12.52
C VAL A 265 17.76 -12.68 13.35
N SER A 266 18.66 -11.91 12.74
CA SER A 266 19.91 -11.49 13.38
C SER A 266 19.73 -10.27 14.28
N GLY A 267 20.77 -9.95 15.04
CA GLY A 267 20.82 -8.75 15.88
C GLY A 267 20.90 -7.43 15.12
N SER A 268 21.10 -7.52 13.81
CA SER A 268 21.07 -6.33 12.94
C SER A 268 19.64 -5.87 12.64
N ALA A 269 18.65 -6.66 13.07
CA ALA A 269 17.24 -6.35 12.82
C ALA A 269 16.41 -6.32 14.11
N GLN A 270 17.09 -6.08 15.23
CA GLN A 270 16.47 -6.14 16.56
C GLN A 270 15.33 -5.15 16.78
N TYR A 271 15.24 -4.13 15.93
CA TYR A 271 14.16 -3.14 16.03
C TYR A 271 13.11 -3.31 14.93
N ILE A 272 13.33 -4.29 14.05
CA ILE A 272 12.45 -4.54 12.93
C ILE A 272 11.34 -5.54 13.29
N THR A 273 10.10 -5.10 13.13
CA THR A 273 8.93 -5.98 13.32
C THR A 273 7.72 -5.46 12.54
N GLY A 274 7.00 -6.38 11.90
CA GLY A 274 5.87 -6.03 11.04
C GLY A 274 6.30 -5.56 9.68
N SER A 275 7.58 -5.76 9.35
CA SER A 275 8.14 -5.38 8.05
C SER A 275 8.18 -6.55 7.09
N ILE A 276 7.73 -6.30 5.86
CA ILE A 276 7.85 -7.27 4.77
C ILE A 276 8.95 -6.79 3.84
N ILE A 277 10.01 -7.58 3.72
CA ILE A 277 11.10 -7.27 2.80
C ILE A 277 10.87 -8.00 1.46
N LYS A 278 10.60 -7.24 0.40
CA LYS A 278 10.54 -7.87 -0.92
C LYS A 278 11.93 -8.10 -1.51
N VAL A 279 12.11 -9.29 -2.07
CA VAL A 279 13.36 -9.70 -2.73
C VAL A 279 12.96 -10.13 -4.14
N ASP A 280 12.72 -9.14 -4.99
CA ASP A 280 12.07 -9.38 -6.28
C ASP A 280 12.84 -8.82 -7.47
N GLY A 281 13.93 -8.10 -7.21
CA GLY A 281 14.75 -7.50 -8.27
C GLY A 281 14.00 -6.51 -9.14
N GLY A 282 12.96 -5.88 -8.58
CA GLY A 282 12.20 -4.85 -9.29
C GLY A 282 10.97 -5.33 -10.04
N LEU A 283 10.63 -6.62 -9.87
CA LEU A 283 9.53 -7.23 -10.62
C LEU A 283 8.17 -6.60 -10.33
N SER A 284 7.91 -6.30 -9.06
CA SER A 284 6.63 -5.70 -8.63
C SER A 284 6.46 -4.24 -9.09
N LEU A 285 7.53 -3.67 -9.66
CA LEU A 285 7.52 -2.28 -10.13
C LEU A 285 7.22 -2.17 -11.62
N VAL A 286 7.28 -3.28 -12.35
CA VAL A 286 7.07 -3.27 -13.80
C VAL A 286 5.58 -3.30 -14.14
N HIS A 287 5.15 -2.29 -14.91
CA HIS A 287 3.77 -2.25 -15.38
C HIS A 287 3.50 -3.32 -16.44
N ALA A 288 2.21 -3.60 -16.69
CA ALA A 288 1.79 -4.50 -17.75
C ALA A 288 2.39 -4.09 -19.10
N GLU B 22 40.25 -3.76 -3.34
CA GLU B 22 40.29 -2.27 -3.29
C GLU B 22 39.04 -1.72 -2.58
N ALA B 23 39.23 -0.69 -1.76
CA ALA B 23 38.18 -0.19 -0.88
C ALA B 23 37.13 0.67 -1.59
N PRO B 24 35.83 0.34 -1.38
CA PRO B 24 34.73 1.12 -1.97
C PRO B 24 34.50 2.46 -1.28
N ALA B 25 33.76 3.34 -1.95
CA ALA B 25 33.52 4.70 -1.44
C ALA B 25 32.02 5.01 -1.32
N ALA B 26 31.66 5.80 -0.31
CA ALA B 26 30.28 6.13 -0.02
C ALA B 26 30.06 7.63 0.20
N VAL B 27 28.94 8.14 -0.31
CA VAL B 27 28.49 9.49 -0.03
C VAL B 27 27.30 9.41 0.91
N VAL B 28 27.41 10.08 2.05
CA VAL B 28 26.30 10.21 3.00
C VAL B 28 26.00 11.70 3.19
N THR B 29 24.79 12.12 2.82
CA THR B 29 24.37 13.50 3.03
C THR B 29 23.86 13.67 4.46
N GLY B 30 24.06 14.86 5.03
CA GLY B 30 23.72 15.13 6.42
C GLY B 30 24.34 14.12 7.36
N ALA B 31 25.66 13.96 7.24
CA ALA B 31 26.38 12.91 7.97
C ALA B 31 27.14 13.41 9.20
N ALA B 32 26.98 14.69 9.53
CA ALA B 32 27.71 15.29 10.66
C ALA B 32 27.16 14.87 12.02
N LYS B 33 25.85 14.65 12.09
CA LYS B 33 25.16 14.35 13.34
C LYS B 33 24.15 13.22 13.21
N ARG B 34 23.80 12.63 14.35
CA ARG B 34 22.61 11.78 14.50
C ARG B 34 22.60 10.52 13.62
N ILE B 35 21.55 10.34 12.82
CA ILE B 35 21.40 9.15 12.01
C ILE B 35 22.46 9.06 10.90
N GLY B 36 22.69 10.18 10.21
CA GLY B 36 23.70 10.26 9.16
C GLY B 36 25.11 9.93 9.64
N ARG B 37 25.43 10.37 10.86
CA ARG B 37 26.73 10.07 11.47
C ARG B 37 26.89 8.58 11.75
N ALA B 38 25.84 7.95 12.28
CA ALA B 38 25.84 6.52 12.56
C ALA B 38 26.02 5.70 11.29
N ILE B 39 25.36 6.12 10.22
CA ILE B 39 25.50 5.52 8.89
C ILE B 39 26.92 5.69 8.36
N ALA B 40 27.49 6.88 8.52
CA ALA B 40 28.87 7.16 8.10
C ALA B 40 29.88 6.27 8.84
N VAL B 41 29.72 6.16 10.16
CA VAL B 41 30.60 5.36 11.02
C VAL B 41 30.54 3.87 10.65
N LYS B 42 29.33 3.33 10.54
CA LYS B 42 29.14 1.91 10.22
C LYS B 42 29.62 1.54 8.81
N LEU B 43 29.43 2.44 7.85
CA LEU B 43 29.96 2.23 6.52
C LEU B 43 31.50 2.19 6.55
N HIS B 44 32.09 3.08 7.33
CA HIS B 44 33.54 3.15 7.49
C HIS B 44 34.10 1.90 8.19
N GLN B 45 33.45 1.50 9.27
CA GLN B 45 33.81 0.28 10.01
C GLN B 45 33.73 -0.98 9.14
N THR B 46 32.86 -0.94 8.13
CA THR B 46 32.68 -2.04 7.18
C THR B 46 33.75 -2.04 6.09
N GLY B 47 34.39 -0.89 5.89
CA GLY B 47 35.51 -0.78 4.96
C GLY B 47 35.35 0.27 3.88
N TYR B 48 34.30 1.08 4.00
CA TYR B 48 34.03 2.14 3.04
C TYR B 48 34.85 3.39 3.34
N ARG B 49 35.29 4.05 2.27
CA ARG B 49 35.77 5.40 2.37
C ARG B 49 34.55 6.33 2.22
N VAL B 50 34.52 7.41 2.99
CA VAL B 50 33.28 8.18 3.15
C VAL B 50 33.42 9.67 2.84
N VAL B 51 32.46 10.20 2.07
CA VAL B 51 32.26 11.63 1.97
C VAL B 51 31.20 12.01 2.99
N ILE B 52 31.59 12.84 3.95
CA ILE B 52 30.68 13.33 4.98
C ILE B 52 30.11 14.68 4.57
N HIS B 53 28.93 14.69 3.98
CA HIS B 53 28.28 15.94 3.59
C HIS B 53 27.65 16.64 4.80
N TYR B 54 27.75 17.96 4.80
CA TYR B 54 27.08 18.79 5.81
C TYR B 54 26.59 20.11 5.21
N HIS B 55 25.70 20.78 5.94
CA HIS B 55 25.23 22.11 5.54
C HIS B 55 25.77 23.15 6.51
N ASN B 56 25.26 23.16 7.74
CA ASN B 56 25.65 24.13 8.76
C ASN B 56 26.60 23.54 9.81
N SER B 57 26.54 22.23 10.03
CA SER B 57 27.30 21.58 11.09
C SER B 57 28.75 21.26 10.69
N ALA B 58 29.54 22.30 10.45
CA ALA B 58 30.92 22.18 10.01
C ALA B 58 31.83 21.51 11.05
N GLU B 59 31.72 21.96 12.30
CA GLU B 59 32.57 21.46 13.39
C GLU B 59 32.37 19.97 13.63
N ALA B 60 31.11 19.54 13.64
CA ALA B 60 30.76 18.14 13.86
C ALA B 60 31.22 17.24 12.71
N ALA B 61 31.09 17.73 11.48
CA ALA B 61 31.49 16.96 10.30
C ALA B 61 33.00 16.76 10.24
N VAL B 62 33.74 17.83 10.54
CA VAL B 62 35.20 17.82 10.58
C VAL B 62 35.68 16.90 11.71
N SER B 63 35.01 16.96 12.86
CA SER B 63 35.30 16.12 14.01
C SER B 63 35.13 14.63 13.72
N LEU B 64 34.11 14.29 12.93
CA LEU B 64 33.90 12.92 12.49
C LEU B 64 35.00 12.46 11.51
N ALA B 65 35.37 13.33 10.58
CA ALA B 65 36.38 13.00 9.57
C ALA B 65 37.75 12.74 10.19
N ASP B 66 38.10 13.50 11.21
CA ASP B 66 39.36 13.30 11.95
C ASP B 66 39.33 11.98 12.73
N GLU B 67 38.19 11.67 13.34
CA GLU B 67 37.95 10.41 14.03
C GLU B 67 38.18 9.21 13.12
N LEU B 68 37.58 9.24 11.93
CA LEU B 68 37.68 8.16 10.96
C LEU B 68 39.06 8.05 10.32
N ASN B 69 39.69 9.20 10.06
CA ASN B 69 41.04 9.23 9.49
C ASN B 69 42.13 8.78 10.50
N LYS B 70 41.80 8.86 11.79
CA LYS B 70 42.64 8.30 12.85
C LYS B 70 42.64 6.78 12.78
N GLU B 71 41.47 6.21 12.44
CA GLU B 71 41.32 4.77 12.27
C GLU B 71 42.02 4.29 11.00
N ARG B 72 41.71 4.92 9.87
CA ARG B 72 42.36 4.64 8.59
C ARG B 72 42.65 5.95 7.85
N SER B 73 43.91 6.16 7.49
CA SER B 73 44.36 7.40 6.86
C SER B 73 43.71 7.67 5.51
N ASN B 74 43.32 8.93 5.30
CA ASN B 74 42.66 9.38 4.07
C ASN B 74 41.52 8.47 3.59
N THR B 75 40.56 8.26 4.48
CA THR B 75 39.37 7.47 4.15
C THR B 75 38.08 8.26 4.38
N ALA B 76 38.23 9.51 4.84
CA ALA B 76 37.08 10.39 5.06
C ALA B 76 37.38 11.83 4.67
N VAL B 77 36.48 12.41 3.88
CA VAL B 77 36.52 13.83 3.53
C VAL B 77 35.16 14.48 3.83
N VAL B 78 35.15 15.81 3.95
CA VAL B 78 33.89 16.53 4.17
C VAL B 78 33.49 17.36 2.93
N CYS B 79 32.20 17.61 2.80
CA CYS B 79 31.66 18.34 1.65
C CYS B 79 30.49 19.23 2.06
N GLN B 80 30.67 20.55 1.92
CA GLN B 80 29.64 21.51 2.30
C GLN B 80 28.76 21.86 1.10
N ALA B 81 27.45 21.72 1.27
CA ALA B 81 26.47 22.15 0.28
C ALA B 81 25.09 22.35 0.91
N ASP B 82 24.42 23.41 0.49
CA ASP B 82 23.00 23.62 0.80
C ASP B 82 22.20 22.79 -0.20
N LEU B 83 21.25 22.02 0.31
CA LEU B 83 20.43 21.14 -0.54
C LEU B 83 19.00 21.66 -0.76
N THR B 84 18.80 22.93 -0.45
CA THR B 84 17.56 23.65 -0.77
C THR B 84 17.40 23.70 -2.28
N ASN B 85 16.15 23.61 -2.76
CA ASN B 85 15.87 23.74 -4.18
C ASN B 85 16.13 25.16 -4.68
N SER B 86 16.82 25.24 -5.83
CA SER B 86 17.14 26.51 -6.50
C SER B 86 17.71 26.17 -7.86
N ASN B 87 18.16 27.19 -8.59
CA ASN B 87 18.75 26.98 -9.91
CA ASN B 87 18.77 27.05 -9.91
C ASN B 87 20.19 26.47 -9.87
N VAL B 88 20.82 26.55 -8.71
CA VAL B 88 22.20 26.05 -8.52
C VAL B 88 22.28 24.69 -7.83
N LEU B 89 21.12 24.11 -7.50
CA LEU B 89 21.09 22.81 -6.82
C LEU B 89 21.64 21.66 -7.67
N PRO B 90 21.27 21.57 -8.96
CA PRO B 90 21.86 20.54 -9.82
C PRO B 90 23.39 20.57 -9.83
N ALA B 91 23.98 21.77 -9.92
CA ALA B 91 25.43 21.94 -9.92
C ALA B 91 26.04 21.51 -8.59
N SER B 92 25.35 21.83 -7.49
CA SER B 92 25.79 21.46 -6.15
C SER B 92 25.81 19.94 -5.95
N CYS B 93 24.76 19.26 -6.44
CA CYS B 93 24.66 17.81 -6.32
C CYS B 93 25.68 17.08 -7.21
N GLU B 94 25.98 17.70 -8.35
CA GLU B 94 27.01 17.21 -9.28
C GLU B 94 28.40 17.31 -8.65
N GLU B 95 28.62 18.38 -7.88
CA GLU B 95 29.88 18.62 -7.18
C GLU B 95 30.08 17.67 -5.98
N ILE B 96 29.01 17.37 -5.25
CA ILE B 96 29.06 16.41 -4.14
C ILE B 96 29.51 15.02 -4.63
N ILE B 97 28.90 14.57 -5.73
CA ILE B 97 29.25 13.30 -6.36
C ILE B 97 30.67 13.33 -6.94
N ASN B 98 31.04 14.44 -7.58
CA ASN B 98 32.38 14.61 -8.13
C ASN B 98 33.48 14.63 -7.07
N SER B 99 33.17 15.17 -5.89
CA SER B 99 34.11 15.21 -4.76
C SER B 99 34.48 13.81 -4.27
N CYS B 100 33.56 12.87 -4.40
CA CYS B 100 33.82 11.47 -4.04
C CYS B 100 34.80 10.82 -5.02
N PHE B 101 34.64 11.13 -6.30
CA PHE B 101 35.55 10.66 -7.35
C PHE B 101 36.92 11.32 -7.25
N ARG B 102 36.97 12.61 -6.91
CA ARG B 102 38.23 13.32 -6.75
C ARG B 102 39.03 12.83 -5.55
N ALA B 103 38.32 12.46 -4.48
CA ALA B 103 38.95 11.97 -3.25
C ALA B 103 39.37 10.51 -3.35
N PHE B 104 38.48 9.65 -3.85
CA PHE B 104 38.68 8.21 -3.73
C PHE B 104 38.77 7.46 -5.06
N GLY B 105 38.45 8.14 -6.16
CA GLY B 105 38.54 7.56 -7.50
C GLY B 105 37.33 6.76 -7.93
N ARG B 106 36.30 6.73 -7.08
CA ARG B 106 35.08 5.95 -7.33
C ARG B 106 33.94 6.40 -6.41
N CYS B 107 32.72 5.96 -6.74
CA CYS B 107 31.55 6.18 -5.91
C CYS B 107 30.63 4.96 -6.02
N ASP B 108 30.61 4.17 -4.95
CA ASP B 108 29.87 2.90 -4.94
C ASP B 108 28.50 3.01 -4.26
N VAL B 109 28.40 3.91 -3.28
CA VAL B 109 27.19 4.04 -2.47
C VAL B 109 26.78 5.50 -2.30
N LEU B 110 25.50 5.76 -2.47
CA LEU B 110 24.90 7.05 -2.17
C LEU B 110 23.80 6.86 -1.13
N VAL B 111 23.90 7.58 -0.02
CA VAL B 111 22.89 7.56 1.01
C VAL B 111 22.27 8.95 1.14
N ASN B 112 21.01 9.07 0.75
CA ASN B 112 20.26 10.32 0.90
C ASN B 112 19.63 10.42 2.29
N ASN B 113 20.32 11.12 3.18
CA ASN B 113 19.93 11.22 4.59
C ASN B 113 19.50 12.62 5.02
N ALA B 114 20.12 13.65 4.44
CA ALA B 114 19.81 15.04 4.78
C ALA B 114 18.32 15.35 4.59
N SER B 115 17.74 16.03 5.57
CA SER B 115 16.30 16.29 5.57
C SER B 115 15.92 17.47 6.45
N ALA B 116 15.22 18.43 5.86
CA ALA B 116 14.54 19.48 6.61
C ALA B 116 13.22 18.93 7.14
N PHE B 117 12.84 19.37 8.33
CA PHE B 117 11.69 18.83 9.04
C PHE B 117 11.11 19.88 9.99
N TYR B 118 10.03 20.52 9.55
CA TYR B 118 9.27 21.47 10.37
C TYR B 118 7.85 21.57 9.84
N PRO B 119 6.89 21.96 10.71
CA PRO B 119 5.49 22.06 10.29
C PRO B 119 5.24 23.18 9.28
N THR B 120 4.31 22.94 8.36
CA THR B 120 3.86 23.95 7.41
C THR B 120 2.32 23.92 7.34
N PRO B 121 1.65 24.60 8.28
CA PRO B 121 0.19 24.56 8.38
C PRO B 121 -0.50 25.10 7.14
N LEU B 122 -1.63 24.49 6.79
CA LEU B 122 -2.41 24.89 5.62
C LEU B 122 -3.24 26.13 5.90
N VAL B 123 -3.57 26.34 7.18
CA VAL B 123 -4.36 27.51 7.61
C VAL B 123 -3.67 28.31 8.71
N GLY B 133 8.41 34.28 10.15
CA GLY B 133 9.30 33.16 9.83
C GLY B 133 9.58 33.05 8.34
N LYS B 134 9.62 31.82 7.85
CA LYS B 134 9.86 31.55 6.43
C LYS B 134 8.66 31.91 5.56
N THR B 135 8.93 32.39 4.35
CA THR B 135 7.90 32.52 3.33
C THR B 135 7.57 31.11 2.82
N VAL B 136 6.35 30.93 2.31
CA VAL B 136 5.91 29.61 1.86
C VAL B 136 6.81 29.03 0.75
N GLU B 137 7.35 29.90 -0.11
CA GLU B 137 8.25 29.45 -1.19
C GLU B 137 9.61 28.95 -0.69
N THR B 138 10.07 29.48 0.45
CA THR B 138 11.26 28.96 1.11
C THR B 138 10.98 27.60 1.75
N GLN B 139 9.80 27.47 2.35
CA GLN B 139 9.36 26.19 2.92
C GLN B 139 9.28 25.10 1.86
N VAL B 140 8.73 25.45 0.70
CA VAL B 140 8.65 24.56 -0.46
C VAL B 140 10.06 24.16 -0.93
N ALA B 141 10.93 25.15 -1.09
CA ALA B 141 12.31 24.92 -1.51
C ALA B 141 13.07 24.02 -0.53
N GLU B 142 12.95 24.29 0.76
CA GLU B 142 13.68 23.54 1.79
C GLU B 142 13.16 22.11 1.98
N LEU B 143 11.85 21.96 2.15
CA LEU B 143 11.27 20.65 2.46
C LEU B 143 11.23 19.70 1.26
N ILE B 144 10.86 20.22 0.09
CA ILE B 144 10.81 19.43 -1.13
C ILE B 144 12.23 19.26 -1.71
N GLY B 145 13.04 20.30 -1.57
CA GLY B 145 14.44 20.26 -2.01
C GLY B 145 15.25 19.17 -1.34
N THR B 146 15.34 19.22 -0.02
CA THR B 146 16.13 18.25 0.77
C THR B 146 15.58 16.83 0.70
N ASN B 147 14.26 16.69 0.84
CA ASN B 147 13.62 15.38 0.93
C ASN B 147 13.39 14.66 -0.41
N ALA B 148 13.37 15.40 -1.52
CA ALA B 148 13.00 14.84 -2.81
C ALA B 148 13.87 15.26 -4.00
N ILE B 149 14.04 16.58 -4.19
CA ILE B 149 14.68 17.08 -5.40
C ILE B 149 16.20 16.86 -5.42
N ALA B 150 16.87 17.16 -4.30
CA ALA B 150 18.30 16.88 -4.18
C ALA B 150 18.61 15.38 -4.33
N PRO B 151 17.91 14.49 -3.59
CA PRO B 151 18.03 13.05 -3.84
C PRO B 151 17.85 12.62 -5.31
N PHE B 152 16.94 13.27 -6.04
CA PHE B 152 16.78 13.03 -7.47
C PHE B 152 18.03 13.45 -8.26
N LEU B 153 18.54 14.64 -7.94
CA LEU B 153 19.68 15.22 -8.64
C LEU B 153 20.99 14.52 -8.32
N LEU B 154 21.12 14.06 -7.08
CA LEU B 154 22.26 13.25 -6.66
C LEU B 154 22.25 11.90 -7.36
N THR B 155 21.07 11.30 -7.48
CA THR B 155 20.87 10.04 -8.21
C THR B 155 21.25 10.15 -9.69
N MET B 156 20.85 11.25 -10.33
CA MET B 156 21.25 11.55 -11.70
C MET B 156 22.76 11.57 -11.85
N SER B 157 23.41 12.36 -11.00
CA SER B 157 24.87 12.51 -11.01
C SER B 157 25.61 11.23 -10.63
N PHE B 158 25.04 10.47 -9.69
CA PHE B 158 25.63 9.19 -9.28
C PHE B 158 25.67 8.24 -10.47
N ALA B 159 24.51 7.98 -11.07
CA ALA B 159 24.37 7.04 -12.17
C ALA B 159 25.13 7.45 -13.43
N GLN B 160 25.13 8.75 -13.73
CA GLN B 160 25.82 9.30 -14.91
C GLN B 160 27.34 9.14 -14.82
N ARG B 161 27.86 9.10 -13.59
CA ARG B 161 29.30 8.96 -13.35
C ARG B 161 29.82 7.53 -13.41
N GLN B 162 28.91 6.55 -13.41
CA GLN B 162 29.29 5.14 -13.43
C GLN B 162 29.66 4.66 -14.82
N ASN B 173 29.17 -3.59 -7.16
CA ASN B 173 28.12 -3.52 -6.16
C ASN B 173 27.69 -2.07 -5.89
N LEU B 174 27.03 -1.47 -6.87
CA LEU B 174 26.56 -0.09 -6.77
C LEU B 174 25.15 -0.04 -6.22
N SER B 175 24.92 0.80 -5.22
CA SER B 175 23.58 0.96 -4.65
C SER B 175 23.30 2.35 -4.10
N ILE B 176 22.03 2.70 -4.05
CA ILE B 176 21.56 3.93 -3.42
C ILE B 176 20.56 3.57 -2.32
N VAL B 177 20.68 4.24 -1.18
CA VAL B 177 19.73 4.08 -0.08
C VAL B 177 19.13 5.44 0.28
N ASN B 178 17.80 5.50 0.28
CA ASN B 178 17.09 6.72 0.62
C ASN B 178 16.45 6.63 1.98
N LEU B 179 16.61 7.68 2.78
CA LEU B 179 16.01 7.71 4.11
C LEU B 179 14.57 8.22 4.05
N CYS B 180 13.65 7.28 4.20
CA CYS B 180 12.24 7.55 4.09
C CYS B 180 11.62 7.76 5.47
N ASP B 181 10.35 7.40 5.62
CA ASP B 181 9.60 7.61 6.85
C ASP B 181 8.51 6.55 6.93
N ALA B 182 8.51 5.79 8.02
CA ALA B 182 7.53 4.72 8.23
C ALA B 182 6.11 5.23 8.45
N MET B 183 5.97 6.50 8.84
CA MET B 183 4.67 7.09 9.14
C MET B 183 4.14 7.95 7.99
N VAL B 184 4.52 7.58 6.76
CA VAL B 184 4.21 8.40 5.58
C VAL B 184 2.71 8.38 5.23
N ASP B 185 2.02 7.29 5.57
CA ASP B 185 0.59 7.17 5.32
C ASP B 185 -0.27 7.55 6.53
N GLN B 186 0.40 7.78 7.67
CA GLN B 186 -0.26 8.25 8.90
C GLN B 186 0.50 9.48 9.40
N PRO B 187 0.42 10.59 8.64
CA PRO B 187 1.35 11.71 8.82
C PRO B 187 1.08 12.57 10.05
N CYS B 188 2.12 13.27 10.51
CA CYS B 188 1.99 14.21 11.60
C CYS B 188 1.16 15.41 11.15
N MET B 189 0.30 15.89 12.05
CA MET B 189 -0.57 17.03 11.79
C MET B 189 0.23 18.26 11.36
N ALA B 190 -0.21 18.89 10.27
CA ALA B 190 0.39 20.14 9.77
C ALA B 190 1.82 20.00 9.21
N PHE B 191 2.18 18.79 8.79
CA PHE B 191 3.49 18.54 8.16
C PHE B 191 3.33 18.19 6.67
N SER B 192 2.43 18.91 5.99
CA SER B 192 2.10 18.64 4.58
C SER B 192 3.31 18.54 3.63
N LEU B 193 4.11 19.60 3.58
CA LEU B 193 5.25 19.66 2.66
C LEU B 193 6.30 18.57 2.94
N TYR B 194 6.57 18.32 4.22
CA TYR B 194 7.48 17.25 4.63
C TYR B 194 6.94 15.87 4.22
N ASN B 195 5.64 15.66 4.41
CA ASN B 195 4.98 14.42 4.00
C ASN B 195 5.01 14.24 2.47
N MET B 196 4.80 15.35 1.76
CA MET B 196 4.90 15.38 0.29
C MET B 196 6.32 15.04 -0.17
N GLY B 197 7.32 15.63 0.50
CA GLY B 197 8.72 15.36 0.20
C GLY B 197 9.08 13.90 0.37
N LYS B 198 8.61 13.29 1.45
CA LYS B 198 8.87 11.89 1.73
C LYS B 198 8.10 10.92 0.83
N HIS B 199 6.89 11.31 0.44
CA HIS B 199 6.12 10.54 -0.54
C HIS B 199 6.82 10.54 -1.90
N ALA B 200 7.29 11.72 -2.31
CA ALA B 200 8.05 11.88 -3.55
C ALA B 200 9.32 11.03 -3.55
N LEU B 201 9.95 10.93 -2.39
CA LEU B 201 11.15 10.12 -2.20
C LEU B 201 10.89 8.61 -2.38
N VAL B 202 9.71 8.15 -1.97
CA VAL B 202 9.26 6.78 -2.22
C VAL B 202 9.13 6.57 -3.73
N GLY B 203 8.61 7.59 -4.41
CA GLY B 203 8.47 7.60 -5.86
C GLY B 203 9.81 7.51 -6.58
N LEU B 204 10.78 8.29 -6.13
CA LEU B 204 12.12 8.24 -6.65
C LEU B 204 12.76 6.85 -6.45
N THR B 205 12.64 6.32 -5.23
CA THR B 205 13.16 5.00 -4.91
C THR B 205 12.66 3.94 -5.90
N GLN B 206 11.35 3.94 -6.15
CA GLN B 206 10.73 2.99 -7.07
C GLN B 206 11.09 3.25 -8.55
N SER B 207 11.05 4.52 -8.96
CA SER B 207 11.38 4.92 -10.35
C SER B 207 12.84 4.66 -10.72
N ALA B 208 13.76 5.05 -9.83
CA ALA B 208 15.19 4.86 -10.03
C ALA B 208 15.60 3.39 -9.99
N ALA B 209 14.95 2.60 -9.14
CA ALA B 209 15.20 1.17 -9.08
C ALA B 209 14.88 0.49 -10.41
N LEU B 210 13.76 0.88 -11.01
CA LEU B 210 13.32 0.39 -12.31
C LEU B 210 14.28 0.82 -13.41
N GLU B 211 14.67 2.10 -13.39
CA GLU B 211 15.46 2.70 -14.47
C GLU B 211 16.97 2.41 -14.40
N LEU B 212 17.51 2.30 -13.19
CA LEU B 212 18.95 2.05 -12.99
C LEU B 212 19.34 0.58 -12.85
N ALA B 213 18.34 -0.30 -12.82
CA ALA B 213 18.57 -1.76 -12.76
C ALA B 213 19.40 -2.33 -13.92
N PRO B 214 19.16 -1.88 -15.17
CA PRO B 214 20.02 -2.32 -16.29
C PRO B 214 21.49 -1.98 -16.10
N TYR B 215 21.76 -0.93 -15.33
CA TYR B 215 23.13 -0.47 -15.04
C TYR B 215 23.73 -1.18 -13.82
N GLY B 216 22.95 -2.06 -13.19
CA GLY B 216 23.41 -2.80 -12.02
C GLY B 216 23.42 -1.98 -10.74
N ILE B 217 22.74 -0.85 -10.76
CA ILE B 217 22.60 0.01 -9.59
C ILE B 217 21.28 -0.30 -8.90
N ARG B 218 21.36 -0.69 -7.62
CA ARG B 218 20.17 -0.96 -6.83
C ARG B 218 19.78 0.28 -6.04
N VAL B 219 18.47 0.50 -5.92
CA VAL B 219 17.94 1.66 -5.20
C VAL B 219 16.91 1.18 -4.18
N ASN B 220 17.22 1.42 -2.90
CA ASN B 220 16.36 0.98 -1.81
C ASN B 220 16.08 2.09 -0.80
N GLY B 221 15.23 1.79 0.18
CA GLY B 221 14.89 2.77 1.19
C GLY B 221 14.86 2.18 2.58
N VAL B 222 15.27 2.99 3.56
CA VAL B 222 15.09 2.66 4.97
C VAL B 222 14.10 3.67 5.54
N ALA B 223 13.06 3.16 6.20
CA ALA B 223 11.99 3.99 6.73
C ALA B 223 11.88 3.88 8.26
N PRO B 224 12.52 4.81 8.99
CA PRO B 224 12.39 4.85 10.45
C PRO B 224 11.02 5.33 10.88
N GLY B 225 10.56 4.85 12.03
CA GLY B 225 9.31 5.34 12.63
C GLY B 225 9.65 6.47 13.57
N VAL B 226 10.03 6.11 14.80
CA VAL B 226 10.61 7.05 15.75
C VAL B 226 12.02 6.57 16.10
N SER B 227 13.00 7.39 15.74
CA SER B 227 14.40 7.16 16.06
C SER B 227 14.87 8.28 17.00
N LEU B 228 16.09 8.78 16.79
CA LEU B 228 16.61 9.90 17.57
C LEU B 228 15.64 11.08 17.56
N LEU B 229 15.02 11.32 18.72
CA LEU B 229 14.05 12.40 18.88
C LEU B 229 14.75 13.76 18.93
N PRO B 230 14.06 14.83 18.47
CA PRO B 230 14.63 16.19 18.43
C PRO B 230 15.36 16.59 19.70
N VAL B 231 16.41 17.40 19.53
CA VAL B 231 17.35 17.76 20.60
C VAL B 231 16.72 18.47 21.82
N ALA B 232 15.85 19.44 21.56
CA ALA B 232 15.26 20.25 22.63
C ALA B 232 13.94 19.69 23.17
N MET B 233 13.47 18.59 22.58
CA MET B 233 12.22 17.95 22.99
C MET B 233 12.30 17.51 24.46
N GLY B 234 11.30 17.89 25.24
CA GLY B 234 11.20 17.49 26.64
C GLY B 234 11.00 15.98 26.77
N GLU B 235 11.57 15.40 27.82
CA GLU B 235 11.50 13.96 28.06
C GLU B 235 10.06 13.46 28.20
N GLU B 236 9.18 14.34 28.69
CA GLU B 236 7.76 14.04 28.85
C GLU B 236 7.05 13.82 27.50
N GLU B 237 7.42 14.61 26.50
CA GLU B 237 6.89 14.45 25.14
C GLU B 237 7.58 13.27 24.44
N LYS B 238 8.89 13.13 24.69
CA LYS B 238 9.67 11.97 24.22
C LYS B 238 9.06 10.64 24.66
N ASP B 239 8.65 10.57 25.93
CA ASP B 239 8.04 9.38 26.52
C ASP B 239 6.67 9.03 25.94
N LYS B 240 5.96 10.04 25.45
CA LYS B 240 4.67 9.82 24.82
C LYS B 240 4.83 9.05 23.51
N TRP B 241 5.89 9.34 22.77
CA TRP B 241 6.19 8.63 21.53
C TRP B 241 6.79 7.25 21.82
N ARG B 242 7.69 7.18 22.80
CA ARG B 242 8.28 5.91 23.24
C ARG B 242 7.21 4.89 23.62
N ARG B 243 6.20 5.34 24.37
CA ARG B 243 5.07 4.49 24.77
C ARG B 243 4.20 3.98 23.62
N LYS B 244 4.22 4.68 22.49
CA LYS B 244 3.47 4.26 21.29
C LYS B 244 4.09 3.04 20.61
N VAL B 245 5.39 2.82 20.82
CA VAL B 245 6.13 1.77 20.12
C VAL B 245 5.93 0.40 20.78
N PRO B 246 5.34 -0.54 20.04
CA PRO B 246 5.10 -1.90 20.55
C PRO B 246 6.38 -2.64 20.93
N LEU B 247 7.41 -2.53 20.09
CA LEU B 247 8.66 -3.25 20.34
C LEU B 247 9.57 -2.51 21.31
N GLY B 248 9.55 -2.95 22.57
CA GLY B 248 10.46 -2.45 23.59
C GLY B 248 10.05 -1.14 24.25
N ARG B 249 9.01 -0.50 23.71
CA ARG B 249 8.47 0.75 24.26
C ARG B 249 9.53 1.86 24.22
N ARG B 250 10.28 1.89 23.12
CA ARG B 250 11.42 2.80 22.96
C ARG B 250 11.64 3.20 21.50
N GLU B 251 12.46 4.22 21.28
CA GLU B 251 12.81 4.68 19.94
C GLU B 251 14.02 3.90 19.40
N ALA B 252 14.21 3.96 18.08
CA ALA B 252 15.37 3.34 17.44
C ALA B 252 16.62 4.15 17.71
N SER B 253 17.71 3.45 18.00
CA SER B 253 19.02 4.06 18.01
C SER B 253 19.39 4.34 16.56
N ALA B 254 20.25 5.33 16.36
CA ALA B 254 20.74 5.66 15.02
C ALA B 254 21.51 4.49 14.41
N GLU B 255 22.08 3.66 15.29
CA GLU B 255 22.85 2.48 14.89
C GLU B 255 21.96 1.37 14.34
N GLN B 256 20.76 1.24 14.89
CA GLN B 256 19.76 0.29 14.41
C GLN B 256 19.25 0.66 13.01
N ILE B 257 19.07 1.96 12.78
CA ILE B 257 18.75 2.49 11.45
C ILE B 257 19.91 2.20 10.49
N ALA B 258 21.14 2.45 10.95
CA ALA B 258 22.34 2.22 10.16
C ALA B 258 22.53 0.76 9.77
N ASP B 259 22.07 -0.15 10.64
CA ASP B 259 22.14 -1.60 10.41
C ASP B 259 21.38 -2.07 9.17
N ALA B 260 20.21 -1.48 8.92
CA ALA B 260 19.40 -1.81 7.75
C ALA B 260 20.01 -1.23 6.46
N VAL B 261 20.69 -0.09 6.61
CA VAL B 261 21.43 0.55 5.52
C VAL B 261 22.63 -0.31 5.10
N ILE B 262 23.37 -0.77 6.11
CA ILE B 262 24.53 -1.66 5.93
C ILE B 262 24.13 -2.97 5.23
N PHE B 263 22.98 -3.52 5.60
CA PHE B 263 22.45 -4.71 4.94
C PHE B 263 22.10 -4.46 3.47
N LEU B 264 21.46 -3.33 3.18
CA LEU B 264 21.02 -3.00 1.82
C LEU B 264 22.14 -2.67 0.82
N VAL B 265 23.30 -2.29 1.32
CA VAL B 265 24.47 -2.03 0.47
C VAL B 265 25.36 -3.28 0.31
N SER B 266 25.14 -4.27 1.18
CA SER B 266 25.97 -5.48 1.23
C SER B 266 25.64 -6.48 0.13
N GLY B 267 26.48 -7.51 0.04
CA GLY B 267 26.28 -8.63 -0.90
C GLY B 267 25.12 -9.56 -0.53
N SER B 268 24.63 -9.43 0.70
CA SER B 268 23.46 -10.19 1.18
C SER B 268 22.15 -9.64 0.62
N ALA B 269 22.22 -8.53 -0.11
CA ALA B 269 21.02 -7.88 -0.63
C ALA B 269 21.09 -7.58 -2.12
N GLN B 270 21.88 -8.36 -2.86
CA GLN B 270 22.17 -8.07 -4.26
C GLN B 270 20.99 -8.30 -5.23
N TYR B 271 19.91 -8.90 -4.73
CA TYR B 271 18.70 -9.05 -5.52
C TYR B 271 17.61 -8.07 -5.11
N ILE B 272 17.90 -7.25 -4.09
CA ILE B 272 16.94 -6.32 -3.53
C ILE B 272 17.04 -4.93 -4.18
N THR B 273 16.01 -4.56 -4.92
CA THR B 273 15.88 -3.20 -5.44
C THR B 273 14.42 -2.73 -5.40
N GLY B 274 14.22 -1.43 -5.16
CA GLY B 274 12.88 -0.85 -5.05
C GLY B 274 12.16 -1.16 -3.75
N SER B 275 12.87 -1.77 -2.82
CA SER B 275 12.30 -2.16 -1.53
C SER B 275 12.50 -1.09 -0.47
N ILE B 276 11.48 -0.89 0.36
CA ILE B 276 11.59 0.02 1.49
C ILE B 276 11.45 -0.77 2.79
N ILE B 277 12.51 -0.76 3.58
CA ILE B 277 12.56 -1.52 4.83
C ILE B 277 12.21 -0.66 6.05
N LYS B 278 11.06 -0.95 6.64
CA LYS B 278 10.62 -0.30 7.87
C LYS B 278 11.47 -0.72 9.06
N VAL B 279 11.98 0.27 9.79
CA VAL B 279 12.68 0.05 11.05
C VAL B 279 11.96 0.91 12.11
N ASP B 280 10.78 0.46 12.50
CA ASP B 280 9.87 1.28 13.30
C ASP B 280 9.33 0.59 14.57
N GLY B 281 9.76 -0.64 14.81
CA GLY B 281 9.33 -1.41 15.98
C GLY B 281 7.82 -1.59 16.10
N GLY B 282 7.12 -1.66 14.95
CA GLY B 282 5.68 -1.89 14.93
C GLY B 282 4.82 -0.66 15.10
N LEU B 283 5.42 0.52 15.04
CA LEU B 283 4.71 1.79 15.24
C LEU B 283 3.65 2.09 14.18
N SER B 284 3.99 1.86 12.92
CA SER B 284 3.06 2.11 11.80
C SER B 284 1.83 1.20 11.82
N LEU B 285 1.84 0.20 12.69
CA LEU B 285 0.76 -0.79 12.79
C LEU B 285 -0.22 -0.46 13.91
N VAL B 286 0.09 0.57 14.70
CA VAL B 286 -0.75 0.97 15.81
C VAL B 286 -1.82 1.96 15.35
N HIS B 287 -3.09 1.62 15.60
CA HIS B 287 -4.20 2.50 15.29
C HIS B 287 -4.31 3.64 16.29
N ALA B 288 -5.03 4.70 15.91
CA ALA B 288 -5.21 5.88 16.75
C ALA B 288 -5.77 5.54 18.14
N GLU C 22 -37.02 -5.70 -17.49
CA GLU C 22 -37.42 -5.89 -16.07
C GLU C 22 -36.32 -5.36 -15.13
N ALA C 23 -36.60 -5.37 -13.83
CA ALA C 23 -35.70 -4.83 -12.82
C ALA C 23 -34.51 -5.76 -12.52
N PRO C 24 -33.32 -5.17 -12.21
CA PRO C 24 -32.16 -5.97 -11.86
C PRO C 24 -32.30 -6.54 -10.44
N ALA C 25 -31.57 -7.63 -10.17
CA ALA C 25 -31.66 -8.29 -8.87
C ALA C 25 -30.32 -8.33 -8.14
N ALA C 26 -30.38 -8.22 -6.82
CA ALA C 26 -29.18 -8.15 -5.98
C ALA C 26 -29.24 -9.13 -4.82
N VAL C 27 -28.11 -9.79 -4.58
CA VAL C 27 -27.95 -10.63 -3.38
C VAL C 27 -27.13 -9.88 -2.34
N VAL C 28 -27.69 -9.72 -1.15
CA VAL C 28 -26.97 -9.13 -0.02
C VAL C 28 -26.91 -10.14 1.11
N THR C 29 -25.69 -10.51 1.52
CA THR C 29 -25.50 -11.43 2.64
C THR C 29 -25.51 -10.67 3.96
N GLY C 30 -26.07 -11.30 4.99
CA GLY C 30 -26.21 -10.69 6.32
C GLY C 30 -27.01 -9.40 6.28
N ALA C 31 -28.10 -9.43 5.51
CA ALA C 31 -28.86 -8.22 5.19
C ALA C 31 -30.00 -7.88 6.16
N ALA C 32 -30.16 -8.68 7.20
CA ALA C 32 -31.29 -8.49 8.13
C ALA C 32 -31.15 -7.25 9.02
N LYS C 33 -29.91 -6.89 9.34
CA LYS C 33 -29.65 -5.81 10.28
C LYS C 33 -28.51 -4.90 9.84
N ARG C 34 -28.48 -3.70 10.42
CA ARG C 34 -27.34 -2.79 10.39
C ARG C 34 -26.90 -2.36 8.99
N ILE C 35 -25.63 -2.60 8.66
CA ILE C 35 -25.07 -2.18 7.38
C ILE C 35 -25.70 -2.92 6.20
N GLY C 36 -25.88 -4.24 6.35
CA GLY C 36 -26.55 -5.07 5.35
C GLY C 36 -27.97 -4.63 5.04
N ARG C 37 -28.73 -4.31 6.08
CA ARG C 37 -30.10 -3.81 5.94
C ARG C 37 -30.13 -2.52 5.13
N ALA C 38 -29.27 -1.57 5.49
CA ALA C 38 -29.16 -0.29 4.81
C ALA C 38 -28.80 -0.43 3.33
N ILE C 39 -27.88 -1.34 3.03
CA ILE C 39 -27.51 -1.66 1.65
C ILE C 39 -28.71 -2.26 0.89
N ALA C 40 -29.41 -3.19 1.53
CA ALA C 40 -30.59 -3.81 0.95
C ALA C 40 -31.70 -2.79 0.68
N VAL C 41 -32.00 -1.94 1.66
CA VAL C 41 -32.99 -0.87 1.50
C VAL C 41 -32.61 0.07 0.36
N LYS C 42 -31.36 0.53 0.35
CA LYS C 42 -30.91 1.52 -0.64
C LYS C 42 -30.80 0.95 -2.07
N LEU C 43 -30.47 -0.33 -2.19
CA LEU C 43 -30.52 -1.03 -3.48
C LEU C 43 -31.95 -1.14 -3.98
N HIS C 44 -32.87 -1.48 -3.07
CA HIS C 44 -34.29 -1.57 -3.36
C HIS C 44 -34.87 -0.21 -3.80
N GLN C 45 -34.49 0.85 -3.10
CA GLN C 45 -34.92 2.22 -3.43
C GLN C 45 -34.43 2.66 -4.82
N THR C 46 -33.24 2.18 -5.22
CA THR C 46 -32.68 2.46 -6.55
C THR C 46 -33.37 1.64 -7.64
N GLY C 47 -34.12 0.62 -7.23
CA GLY C 47 -34.93 -0.16 -8.16
C GLY C 47 -34.59 -1.64 -8.24
N TYR C 48 -33.65 -2.08 -7.42
CA TYR C 48 -33.24 -3.49 -7.39
C TYR C 48 -34.25 -4.36 -6.67
N ARG C 49 -34.40 -5.58 -7.16
CA ARG C 49 -35.08 -6.62 -6.41
C ARG C 49 -33.98 -7.29 -5.58
N VAL C 50 -34.29 -7.69 -4.36
CA VAL C 50 -33.24 -8.14 -3.43
C VAL C 50 -33.49 -9.48 -2.74
N VAL C 51 -32.40 -10.25 -2.61
CA VAL C 51 -32.36 -11.40 -1.74
C VAL C 51 -31.75 -10.93 -0.42
N ILE C 52 -32.54 -11.01 0.65
CA ILE C 52 -32.11 -10.67 1.98
C ILE C 52 -31.64 -11.96 2.66
N HIS C 53 -30.33 -12.20 2.63
CA HIS C 53 -29.75 -13.36 3.29
C HIS C 53 -29.63 -13.15 4.80
N TYR C 54 -29.83 -14.23 5.56
CA TYR C 54 -29.70 -14.21 7.01
C TYR C 54 -29.21 -15.55 7.54
N HIS C 55 -28.74 -15.55 8.78
CA HIS C 55 -28.33 -16.77 9.46
C HIS C 55 -29.23 -17.02 10.68
N ASN C 56 -29.15 -16.13 11.66
CA ASN C 56 -29.95 -16.25 12.88
C ASN C 56 -31.12 -15.28 12.94
N SER C 57 -31.02 -14.17 12.20
CA SER C 57 -32.00 -13.09 12.28
C SER C 57 -33.15 -13.27 11.27
N ALA C 58 -33.93 -14.33 11.47
CA ALA C 58 -35.09 -14.65 10.62
C ALA C 58 -36.19 -13.59 10.68
N GLU C 59 -36.61 -13.23 11.89
CA GLU C 59 -37.67 -12.24 12.11
C GLU C 59 -37.37 -10.90 11.46
N ALA C 60 -36.15 -10.40 11.68
CA ALA C 60 -35.71 -9.12 11.13
C ALA C 60 -35.66 -9.16 9.60
N ALA C 61 -35.19 -10.29 9.06
CA ALA C 61 -35.12 -10.51 7.61
C ALA C 61 -36.51 -10.48 6.97
N VAL C 62 -37.45 -11.17 7.61
CA VAL C 62 -38.85 -11.20 7.16
C VAL C 62 -39.49 -9.80 7.24
N SER C 63 -39.26 -9.10 8.35
CA SER C 63 -39.83 -7.76 8.55
C SER C 63 -39.27 -6.71 7.58
N LEU C 64 -38.01 -6.87 7.19
CA LEU C 64 -37.42 -6.05 6.13
C LEU C 64 -38.06 -6.38 4.79
N ALA C 65 -38.19 -7.67 4.49
CA ALA C 65 -38.82 -8.13 3.24
C ALA C 65 -40.27 -7.65 3.12
N ASP C 66 -41.02 -7.72 4.23
CA ASP C 66 -42.39 -7.20 4.29
C ASP C 66 -42.45 -5.71 3.94
N GLU C 67 -41.55 -4.93 4.53
CA GLU C 67 -41.49 -3.49 4.31
C GLU C 67 -41.16 -3.14 2.85
N LEU C 68 -40.25 -3.91 2.26
CA LEU C 68 -39.88 -3.71 0.85
C LEU C 68 -40.96 -4.21 -0.11
N ASN C 69 -41.58 -5.35 0.22
CA ASN C 69 -42.68 -5.90 -0.59
C ASN C 69 -43.95 -5.05 -0.56
N LYS C 70 -44.17 -4.33 0.54
CA LYS C 70 -45.26 -3.35 0.63
C LYS C 70 -45.06 -2.21 -0.37
N GLU C 71 -43.81 -1.76 -0.52
CA GLU C 71 -43.46 -0.71 -1.47
C GLU C 71 -43.65 -1.18 -2.93
N ARG C 72 -43.05 -2.32 -3.27
CA ARG C 72 -43.22 -2.92 -4.58
C ARG C 72 -43.40 -4.43 -4.40
N SER C 73 -44.57 -4.93 -4.81
CA SER C 73 -44.93 -6.34 -4.63
C SER C 73 -43.98 -7.30 -5.32
N ASN C 74 -43.59 -8.35 -4.60
CA ASN C 74 -42.72 -9.42 -5.09
C ASN C 74 -41.34 -8.94 -5.58
N THR C 75 -40.70 -8.09 -4.78
CA THR C 75 -39.38 -7.58 -5.10
C THR C 75 -38.33 -7.92 -4.02
N ALA C 76 -38.78 -8.57 -2.95
CA ALA C 76 -37.90 -8.93 -1.85
C ALA C 76 -38.15 -10.35 -1.38
N VAL C 77 -37.09 -11.15 -1.33
CA VAL C 77 -37.14 -12.51 -0.78
C VAL C 77 -36.06 -12.70 0.29
N VAL C 78 -36.28 -13.65 1.18
CA VAL C 78 -35.30 -14.02 2.20
C VAL C 78 -34.62 -15.34 1.89
N CYS C 79 -33.40 -15.52 2.41
CA CYS C 79 -32.62 -16.74 2.20
C CYS C 79 -31.79 -17.07 3.45
N GLN C 80 -31.97 -18.28 3.98
CA GLN C 80 -31.24 -18.73 5.16
C GLN C 80 -30.02 -19.55 4.78
N ALA C 81 -28.87 -19.21 5.36
CA ALA C 81 -27.64 -19.99 5.20
C ALA C 81 -26.56 -19.62 6.22
N ASP C 82 -25.99 -20.64 6.85
CA ASP C 82 -24.78 -20.51 7.65
C ASP C 82 -23.61 -20.41 6.67
N LEU C 83 -22.76 -19.40 6.86
CA LEU C 83 -21.62 -19.16 5.97
C LEU C 83 -20.28 -19.56 6.59
N THR C 84 -20.34 -20.28 7.72
CA THR C 84 -19.17 -20.89 8.35
C THR C 84 -18.51 -21.89 7.41
N ASN C 85 -17.19 -21.98 7.44
CA ASN C 85 -16.46 -22.94 6.60
C ASN C 85 -16.70 -24.38 7.03
N SER C 86 -17.14 -25.19 6.07
CA SER C 86 -17.43 -26.62 6.28
C SER C 86 -17.48 -27.34 4.94
N ASN C 87 -17.74 -28.64 4.98
CA ASN C 87 -17.93 -29.45 3.76
C ASN C 87 -19.16 -29.07 2.94
N VAL C 88 -20.19 -28.56 3.62
CA VAL C 88 -21.44 -28.16 2.95
C VAL C 88 -21.50 -26.69 2.48
N LEU C 89 -20.50 -25.89 2.84
CA LEU C 89 -20.50 -24.47 2.49
C LEU C 89 -20.61 -24.18 0.98
N PRO C 90 -19.83 -24.90 0.13
CA PRO C 90 -19.94 -24.68 -1.31
C PRO C 90 -21.37 -24.81 -1.85
N ALA C 91 -22.12 -25.78 -1.34
CA ALA C 91 -23.51 -26.00 -1.74
C ALA C 91 -24.43 -24.89 -1.25
N SER C 92 -24.18 -24.41 -0.03
CA SER C 92 -24.95 -23.33 0.58
C SER C 92 -24.81 -22.02 -0.21
N CYS C 93 -23.58 -21.71 -0.62
CA CYS C 93 -23.30 -20.53 -1.42
C CYS C 93 -23.90 -20.64 -2.81
N GLU C 94 -23.89 -21.85 -3.36
CA GLU C 94 -24.52 -22.14 -4.65
C GLU C 94 -26.03 -21.92 -4.61
N GLU C 95 -26.66 -22.26 -3.49
CA GLU C 95 -28.11 -22.13 -3.35
C GLU C 95 -28.58 -20.70 -3.04
N ILE C 96 -27.71 -19.91 -2.41
CA ILE C 96 -27.97 -18.48 -2.20
C ILE C 96 -28.07 -17.76 -3.55
N ILE C 97 -27.14 -18.07 -4.44
CA ILE C 97 -27.10 -17.51 -5.78
C ILE C 97 -28.29 -17.99 -6.63
N ASN C 98 -28.56 -19.30 -6.57
CA ASN C 98 -29.71 -19.90 -7.26
C ASN C 98 -31.05 -19.30 -6.80
N SER C 99 -31.13 -19.01 -5.50
CA SER C 99 -32.28 -18.33 -4.89
C SER C 99 -32.62 -17.00 -5.55
N CYS C 100 -31.60 -16.34 -6.10
CA CYS C 100 -31.80 -15.08 -6.83
C CYS C 100 -32.35 -15.33 -8.23
N PHE C 101 -31.81 -16.34 -8.92
CA PHE C 101 -32.31 -16.76 -10.24
C PHE C 101 -33.73 -17.34 -10.19
N ARG C 102 -34.06 -18.00 -9.09
CA ARG C 102 -35.40 -18.58 -8.91
C ARG C 102 -36.47 -17.49 -8.72
N ALA C 103 -36.18 -16.54 -7.84
CA ALA C 103 -37.13 -15.49 -7.51
C ALA C 103 -37.28 -14.46 -8.63
N PHE C 104 -36.16 -14.11 -9.26
CA PHE C 104 -36.13 -12.96 -10.16
C PHE C 104 -35.65 -13.25 -11.59
N GLY C 105 -35.15 -14.46 -11.83
CA GLY C 105 -34.73 -14.88 -13.17
C GLY C 105 -33.36 -14.34 -13.59
N ARG C 106 -32.71 -13.62 -12.68
CA ARG C 106 -31.43 -12.96 -12.94
C ARG C 106 -30.71 -12.61 -11.64
N CYS C 107 -29.39 -12.48 -11.71
CA CYS C 107 -28.60 -11.98 -10.60
C CYS C 107 -27.53 -11.03 -11.12
N ASP C 108 -27.70 -9.75 -10.77
CA ASP C 108 -26.87 -8.68 -11.31
C ASP C 108 -25.80 -8.22 -10.33
N VAL C 109 -26.16 -8.15 -9.05
CA VAL C 109 -25.26 -7.65 -8.01
C VAL C 109 -25.12 -8.64 -6.86
N LEU C 110 -23.88 -8.85 -6.42
CA LEU C 110 -23.58 -9.59 -5.20
C LEU C 110 -22.89 -8.70 -4.17
N VAL C 111 -23.47 -8.61 -2.99
CA VAL C 111 -22.86 -7.86 -1.89
C VAL C 111 -22.43 -8.82 -0.78
N ASN C 112 -21.13 -8.95 -0.60
CA ASN C 112 -20.57 -9.79 0.45
C ASN C 112 -20.39 -8.98 1.74
N ASN C 113 -21.43 -9.01 2.57
CA ASN C 113 -21.54 -8.18 3.77
C ASN C 113 -21.43 -9.00 5.06
N ALA C 114 -22.00 -10.20 5.06
CA ALA C 114 -21.94 -11.08 6.25
C ALA C 114 -20.51 -11.26 6.77
N SER C 115 -20.36 -11.23 8.09
CA SER C 115 -19.04 -11.22 8.72
C SER C 115 -19.07 -11.49 10.23
N ALA C 116 -18.30 -12.49 10.65
CA ALA C 116 -18.06 -12.73 12.07
C ALA C 116 -16.96 -11.79 12.56
N PHE C 117 -17.09 -11.32 13.80
CA PHE C 117 -16.14 -10.37 14.37
C PHE C 117 -16.01 -10.58 15.88
N TYR C 118 -14.81 -10.98 16.30
CA TYR C 118 -14.49 -11.17 17.72
C TYR C 118 -12.99 -11.47 17.88
N PRO C 119 -12.45 -11.33 19.11
CA PRO C 119 -11.01 -11.47 19.24
C PRO C 119 -10.52 -12.91 19.33
N THR C 120 -9.30 -13.13 18.85
CA THR C 120 -8.64 -14.43 18.91
C THR C 120 -7.18 -14.25 19.35
N PRO C 121 -6.92 -14.14 20.67
CA PRO C 121 -5.56 -13.92 21.18
C PRO C 121 -4.62 -15.04 20.76
N LEU C 122 -3.39 -14.67 20.38
CA LEU C 122 -2.38 -15.65 19.99
C LEU C 122 -1.85 -16.42 21.19
N VAL C 123 -1.74 -15.74 22.33
CA VAL C 123 -1.28 -16.35 23.57
C VAL C 123 -2.43 -16.50 24.57
N GLY C 133 -15.32 -22.12 25.98
CA GLY C 133 -15.60 -21.30 24.79
C GLY C 133 -15.24 -21.99 23.49
N LYS C 134 -15.45 -21.28 22.38
CA LYS C 134 -15.21 -21.80 21.04
C LYS C 134 -13.79 -22.33 20.85
N THR C 135 -13.68 -23.50 20.22
CA THR C 135 -12.38 -24.08 19.87
C THR C 135 -11.74 -23.26 18.76
N VAL C 136 -10.42 -23.31 18.67
CA VAL C 136 -9.68 -22.54 17.66
C VAL C 136 -10.08 -22.93 16.22
N GLU C 137 -10.41 -24.20 16.00
CA GLU C 137 -10.85 -24.67 14.69
C GLU C 137 -12.23 -24.11 14.29
N THR C 138 -13.08 -23.86 15.28
CA THR C 138 -14.37 -23.21 15.08
C THR C 138 -14.20 -21.71 14.78
N GLN C 139 -13.26 -21.08 15.47
CA GLN C 139 -12.93 -19.66 15.25
C GLN C 139 -12.35 -19.43 13.86
N VAL C 140 -11.55 -20.38 13.39
CA VAL C 140 -10.99 -20.34 12.03
C VAL C 140 -12.12 -20.48 11.01
N ALA C 141 -13.00 -21.44 11.25
CA ALA C 141 -14.11 -21.73 10.34
C ALA C 141 -15.08 -20.56 10.19
N GLU C 142 -15.36 -19.87 11.29
CA GLU C 142 -16.27 -18.72 11.27
C GLU C 142 -15.61 -17.46 10.71
N LEU C 143 -14.43 -17.11 11.22
CA LEU C 143 -13.77 -15.87 10.85
C LEU C 143 -13.16 -15.85 9.44
N ILE C 144 -12.56 -16.97 9.02
CA ILE C 144 -12.05 -17.09 7.66
C ILE C 144 -13.18 -17.52 6.72
N GLY C 145 -14.14 -18.27 7.27
CA GLY C 145 -15.30 -18.74 6.51
C GLY C 145 -16.18 -17.61 6.02
N THR C 146 -16.72 -16.82 6.96
CA THR C 146 -17.64 -15.74 6.62
C THR C 146 -17.00 -14.58 5.87
N ASN C 147 -15.76 -14.25 6.23
CA ASN C 147 -15.07 -13.06 5.72
C ASN C 147 -14.32 -13.24 4.40
N ALA C 148 -14.02 -14.49 4.04
CA ALA C 148 -13.16 -14.74 2.89
C ALA C 148 -13.60 -15.93 2.03
N ILE C 149 -13.86 -17.07 2.67
CA ILE C 149 -14.15 -18.30 1.95
C ILE C 149 -15.55 -18.32 1.35
N ALA C 150 -16.56 -17.93 2.14
CA ALA C 150 -17.92 -17.79 1.63
C ALA C 150 -18.01 -16.77 0.47
N PRO C 151 -17.43 -15.56 0.64
CA PRO C 151 -17.37 -14.62 -0.49
C PRO C 151 -16.67 -15.19 -1.73
N PHE C 152 -15.62 -16.00 -1.53
CA PHE C 152 -14.96 -16.70 -2.63
C PHE C 152 -15.93 -17.66 -3.36
N LEU C 153 -16.65 -18.46 -2.58
CA LEU C 153 -17.57 -19.47 -3.12
C LEU C 153 -18.80 -18.86 -3.77
N LEU C 154 -19.27 -17.75 -3.21
CA LEU C 154 -20.39 -16.99 -3.77
C LEU C 154 -20.00 -16.31 -5.08
N THR C 155 -18.75 -15.85 -5.15
CA THR C 155 -18.18 -15.27 -6.36
C THR C 155 -18.12 -16.30 -7.48
N MET C 156 -17.59 -17.49 -7.18
CA MET C 156 -17.58 -18.63 -8.09
C MET C 156 -18.98 -18.90 -8.66
N SER C 157 -19.96 -19.06 -7.76
CA SER C 157 -21.34 -19.33 -8.15
C SER C 157 -21.97 -18.19 -8.95
N PHE C 158 -21.67 -16.95 -8.57
CA PHE C 158 -22.16 -15.76 -9.27
C PHE C 158 -21.67 -15.75 -10.72
N ALA C 159 -20.37 -15.96 -10.91
CA ALA C 159 -19.75 -15.93 -12.23
C ALA C 159 -20.15 -17.11 -13.10
N GLN C 160 -20.31 -18.27 -12.48
CA GLN C 160 -20.66 -19.52 -13.16
C GLN C 160 -22.07 -19.49 -13.76
N ARG C 161 -22.98 -18.81 -13.06
CA ARG C 161 -24.40 -18.81 -13.43
C ARG C 161 -24.78 -17.75 -14.47
N GLN C 162 -23.84 -16.90 -14.85
CA GLN C 162 -24.13 -15.83 -15.80
C GLN C 162 -24.21 -16.36 -17.24
N ASN C 173 -24.47 -4.58 -16.62
CA ASN C 173 -23.83 -4.01 -15.45
C ASN C 173 -23.77 -4.99 -14.27
N LEU C 174 -22.95 -6.03 -14.41
CA LEU C 174 -22.75 -7.01 -13.35
C LEU C 174 -21.59 -6.59 -12.45
N SER C 175 -21.83 -6.53 -11.14
CA SER C 175 -20.78 -6.17 -10.20
C SER C 175 -20.88 -6.93 -8.88
N ILE C 176 -19.73 -7.11 -8.24
CA ILE C 176 -19.64 -7.65 -6.89
C ILE C 176 -19.02 -6.59 -5.98
N VAL C 177 -19.57 -6.44 -4.78
CA VAL C 177 -19.02 -5.50 -3.79
C VAL C 177 -18.72 -6.24 -2.49
N ASN C 178 -17.46 -6.18 -2.08
CA ASN C 178 -17.02 -6.84 -0.87
C ASN C 178 -16.87 -5.85 0.28
N LEU C 179 -17.43 -6.19 1.44
CA LEU C 179 -17.32 -5.33 2.61
C LEU C 179 -16.00 -5.58 3.34
N CYS C 180 -15.04 -4.70 3.08
CA CYS C 180 -13.70 -4.78 3.62
C CYS C 180 -13.60 -4.02 4.94
N ASP C 181 -12.39 -3.56 5.27
CA ASP C 181 -12.11 -2.87 6.53
C ASP C 181 -10.98 -1.88 6.33
N ALA C 182 -11.21 -0.63 6.70
CA ALA C 182 -10.23 0.45 6.48
C ALA C 182 -9.02 0.39 7.41
N MET C 183 -9.13 -0.40 8.48
CA MET C 183 -8.06 -0.54 9.46
C MET C 183 -7.28 -1.85 9.31
N VAL C 184 -7.23 -2.39 8.09
CA VAL C 184 -6.51 -3.66 7.83
C VAL C 184 -5.01 -3.60 8.06
N ASP C 185 -4.41 -2.42 7.84
CA ASP C 185 -2.96 -2.24 8.04
C ASP C 185 -2.65 -1.76 9.46
N GLN C 186 -3.69 -1.44 10.22
CA GLN C 186 -3.56 -1.03 11.62
C GLN C 186 -4.58 -1.80 12.46
N PRO C 187 -4.39 -3.13 12.57
CA PRO C 187 -5.44 -4.00 13.10
C PRO C 187 -5.74 -3.78 14.59
N CSX C 188 -6.90 -4.24 15.03
CA CSX C 188 -7.23 -4.28 16.46
CB CSX C 188 -8.70 -4.65 16.68
SG CSX C 188 -9.90 -3.47 15.76
C CSX C 188 -6.38 -5.31 17.14
O CSX C 188 -6.09 -6.36 16.56
OD CSX C 188 -9.61 -2.30 17.12
N MET C 189 -5.97 -5.01 18.35
CA MET C 189 -5.17 -5.92 19.17
C MET C 189 -5.89 -7.24 19.42
N ALA C 190 -5.19 -8.34 19.15
CA ALA C 190 -5.69 -9.70 19.40
C ALA C 190 -6.81 -10.13 18.43
N PHE C 191 -6.91 -9.46 17.29
CA PHE C 191 -7.89 -9.79 16.26
C PHE C 191 -7.25 -10.42 15.01
N SER C 192 -6.26 -11.27 15.21
CA SER C 192 -5.48 -11.88 14.10
C SER C 192 -6.32 -12.56 13.03
N LEU C 193 -7.13 -13.54 13.42
CA LEU C 193 -7.94 -14.31 12.46
C LEU C 193 -8.93 -13.43 11.68
N TYR C 194 -9.53 -12.46 12.36
CA TYR C 194 -10.42 -11.50 11.70
C TYR C 194 -9.64 -10.66 10.68
N ASN C 195 -8.47 -10.17 11.09
CA ASN C 195 -7.60 -9.40 10.21
C ASN C 195 -7.11 -10.21 9.01
N MET C 196 -6.79 -11.48 9.25
CA MET C 196 -6.43 -12.43 8.18
C MET C 196 -7.57 -12.61 7.17
N GLY C 197 -8.79 -12.76 7.69
CA GLY C 197 -9.99 -12.84 6.85
C GLY C 197 -10.26 -11.62 5.99
N LYS C 198 -10.01 -10.43 6.52
CA LYS C 198 -10.22 -9.19 5.76
C LYS C 198 -9.10 -8.90 4.75
N HIS C 199 -7.88 -9.32 5.10
CA HIS C 199 -6.77 -9.26 4.15
C HIS C 199 -7.00 -10.20 2.97
N ALA C 200 -7.48 -11.41 3.25
CA ALA C 200 -7.83 -12.37 2.21
C ALA C 200 -8.95 -11.84 1.31
N LEU C 201 -9.89 -11.09 1.90
CA LEU C 201 -10.99 -10.48 1.14
C LEU C 201 -10.49 -9.42 0.15
N VAL C 202 -9.48 -8.64 0.54
CA VAL C 202 -8.78 -7.72 -0.36
C VAL C 202 -8.15 -8.50 -1.53
N GLY C 203 -7.53 -9.64 -1.20
CA GLY C 203 -6.95 -10.53 -2.20
C GLY C 203 -7.96 -11.11 -3.16
N LEU C 204 -9.13 -11.50 -2.64
CA LEU C 204 -10.22 -12.00 -3.47
C LEU C 204 -10.77 -10.90 -4.38
N THR C 205 -10.93 -9.69 -3.83
CA THR C 205 -11.40 -8.53 -4.58
C THR C 205 -10.51 -8.27 -5.79
N GLN C 206 -9.19 -8.29 -5.57
CA GLN C 206 -8.23 -8.03 -6.63
C GLN C 206 -8.12 -9.16 -7.65
N SER C 207 -8.10 -10.40 -7.16
CA SER C 207 -8.02 -11.57 -8.04
C SER C 207 -9.27 -11.75 -8.88
N ALA C 208 -10.44 -11.64 -8.23
CA ALA C 208 -11.71 -11.77 -8.92
C ALA C 208 -11.89 -10.66 -9.96
N ALA C 209 -11.50 -9.43 -9.62
CA ALA C 209 -11.57 -8.31 -10.55
C ALA C 209 -10.78 -8.58 -11.83
N LEU C 210 -9.58 -9.16 -11.65
CA LEU C 210 -8.72 -9.51 -12.77
C LEU C 210 -9.32 -10.63 -13.63
N GLU C 211 -9.74 -11.71 -12.98
CA GLU C 211 -10.24 -12.91 -13.68
C GLU C 211 -11.62 -12.72 -14.31
N LEU C 212 -12.48 -11.95 -13.66
CA LEU C 212 -13.86 -11.79 -14.10
C LEU C 212 -14.09 -10.61 -15.06
N ALA C 213 -13.05 -9.80 -15.25
CA ALA C 213 -13.14 -8.64 -16.15
C ALA C 213 -13.56 -8.97 -17.60
N PRO C 214 -13.00 -10.05 -18.21
CA PRO C 214 -13.44 -10.43 -19.56
C PRO C 214 -14.91 -10.82 -19.66
N TYR C 215 -15.51 -11.15 -18.51
CA TYR C 215 -16.92 -11.55 -18.46
C TYR C 215 -17.85 -10.38 -18.17
N GLY C 216 -17.26 -9.19 -18.06
CA GLY C 216 -18.02 -7.97 -17.78
C GLY C 216 -18.42 -7.82 -16.31
N ILE C 217 -17.87 -8.66 -15.44
CA ILE C 217 -18.14 -8.58 -14.00
C ILE C 217 -17.08 -7.74 -13.30
N ARG C 218 -17.52 -6.64 -12.69
CA ARG C 218 -16.64 -5.78 -11.91
C ARG C 218 -16.65 -6.24 -10.45
N VAL C 219 -15.48 -6.21 -9.81
CA VAL C 219 -15.37 -6.59 -8.40
C VAL C 219 -14.66 -5.49 -7.61
N ASN C 220 -15.40 -4.89 -6.68
CA ASN C 220 -14.89 -3.79 -5.88
C ASN C 220 -15.12 -3.98 -4.37
N GLY C 221 -14.50 -3.12 -3.57
CA GLY C 221 -14.65 -3.18 -2.13
C GLY C 221 -15.07 -1.86 -1.52
N VAL C 222 -15.75 -1.94 -0.39
CA VAL C 222 -16.04 -0.77 0.44
C VAL C 222 -15.48 -1.06 1.83
N ALA C 223 -14.61 -0.16 2.30
CA ALA C 223 -13.93 -0.32 3.58
C ALA C 223 -14.38 0.71 4.62
N PRO C 224 -15.33 0.34 5.49
CA PRO C 224 -15.71 1.20 6.61
C PRO C 224 -14.63 1.24 7.68
N GLY C 225 -14.50 2.39 8.34
CA GLY C 225 -13.60 2.53 9.48
C GLY C 225 -14.38 2.13 10.71
N VAL C 226 -14.95 3.12 11.38
CA VAL C 226 -15.98 2.87 12.38
C VAL C 226 -17.32 3.39 11.84
N SER C 227 -18.24 2.46 11.64
CA SER C 227 -19.62 2.77 11.31
C SER C 227 -20.44 2.42 12.55
N LEU C 228 -21.56 1.72 12.37
CA LEU C 228 -22.38 1.26 13.49
C LEU C 228 -21.57 0.34 14.41
N LEU C 229 -21.21 0.86 15.57
CA LEU C 229 -20.37 0.14 16.54
C LEU C 229 -21.12 -1.07 17.11
N PRO C 230 -20.37 -2.14 17.49
CA PRO C 230 -20.97 -3.38 17.99
C PRO C 230 -22.00 -3.13 19.10
N VAL C 231 -23.11 -3.84 19.03
CA VAL C 231 -24.24 -3.66 19.95
C VAL C 231 -23.84 -3.98 21.40
N ALA C 232 -22.86 -4.87 21.55
CA ALA C 232 -22.33 -5.25 22.86
C ALA C 232 -21.47 -4.15 23.49
N MET C 233 -20.66 -3.48 22.65
CA MET C 233 -19.71 -2.45 23.10
C MET C 233 -20.36 -1.41 24.02
N GLY C 234 -19.60 -0.96 25.02
CA GLY C 234 -20.06 0.04 25.98
C GLY C 234 -19.95 1.46 25.48
N GLU C 235 -20.81 2.33 26.01
CA GLU C 235 -20.89 3.74 25.62
C GLU C 235 -19.54 4.48 25.77
N GLU C 236 -18.80 4.16 26.82
CA GLU C 236 -17.48 4.72 27.05
C GLU C 236 -16.52 4.39 25.90
N GLU C 237 -16.42 3.11 25.57
CA GLU C 237 -15.58 2.63 24.46
C GLU C 237 -16.06 3.17 23.11
N LYS C 238 -17.38 3.35 22.97
CA LYS C 238 -17.98 3.92 21.77
C LYS C 238 -17.53 5.36 21.53
N ASP C 239 -17.61 6.18 22.56
CA ASP C 239 -17.25 7.60 22.48
C ASP C 239 -15.75 7.83 22.28
N LYS C 240 -14.95 6.87 22.73
CA LYS C 240 -13.50 6.90 22.53
C LYS C 240 -13.14 6.78 21.05
N TRP C 241 -13.77 5.83 20.36
CA TRP C 241 -13.58 5.63 18.91
C TRP C 241 -14.11 6.81 18.09
N ARG C 242 -15.19 7.42 18.57
CA ARG C 242 -15.81 8.57 17.90
C ARG C 242 -14.90 9.80 17.86
N ARG C 243 -14.21 10.07 18.97
CA ARG C 243 -13.29 11.22 19.06
C ARG C 243 -12.02 11.07 18.24
N LYS C 244 -11.73 9.85 17.78
CA LYS C 244 -10.56 9.58 16.95
C LYS C 244 -10.78 10.02 15.51
N VAL C 245 -12.05 10.07 15.10
CA VAL C 245 -12.44 10.36 13.72
C VAL C 245 -12.26 11.85 13.36
N PRO C 246 -11.33 12.15 12.42
CA PRO C 246 -11.10 13.53 11.98
C PRO C 246 -12.35 14.23 11.46
N LEU C 247 -13.17 13.51 10.69
CA LEU C 247 -14.35 14.10 10.05
C LEU C 247 -15.59 13.99 10.94
N GLY C 248 -15.89 15.09 11.66
CA GLY C 248 -17.11 15.21 12.47
C GLY C 248 -17.11 14.52 13.82
N ARG C 249 -15.98 13.94 14.19
CA ARG C 249 -15.82 13.19 15.45
C ARG C 249 -17.00 12.26 15.76
N ARG C 250 -17.51 11.61 14.71
CA ARG C 250 -18.65 10.71 14.79
C ARG C 250 -18.41 9.47 13.93
N GLU C 251 -19.23 8.44 14.13
CA GLU C 251 -19.18 7.25 13.28
C GLU C 251 -20.02 7.43 12.02
N ALA C 252 -19.77 6.60 11.02
CA ALA C 252 -20.60 6.57 9.82
C ALA C 252 -21.91 5.87 10.10
N SER C 253 -23.01 6.46 9.62
CA SER C 253 -24.27 5.76 9.58
C SER C 253 -24.16 4.64 8.55
N ALA C 254 -25.00 3.62 8.68
CA ALA C 254 -24.99 2.48 7.77
C ALA C 254 -25.28 2.89 6.33
N GLU C 255 -26.07 3.95 6.16
CA GLU C 255 -26.48 4.43 4.84
C GLU C 255 -25.39 5.21 4.09
N GLN C 256 -24.41 5.72 4.84
CA GLN C 256 -23.22 6.33 4.25
C GLN C 256 -22.33 5.26 3.64
N ILE C 257 -22.27 4.09 4.28
CA ILE C 257 -21.62 2.91 3.72
C ILE C 257 -22.37 2.42 2.49
N ALA C 258 -23.69 2.44 2.56
CA ALA C 258 -24.55 1.99 1.46
C ALA C 258 -24.42 2.88 0.23
N ASP C 259 -24.24 4.19 0.45
CA ASP C 259 -24.04 5.18 -0.62
C ASP C 259 -22.85 4.81 -1.53
N ALA C 260 -21.76 4.34 -0.91
CA ALA C 260 -20.56 3.91 -1.63
C ALA C 260 -20.79 2.62 -2.40
N VAL C 261 -21.61 1.73 -1.83
CA VAL C 261 -22.05 0.51 -2.51
C VAL C 261 -22.93 0.84 -3.72
N ILE C 262 -23.87 1.76 -3.52
CA ILE C 262 -24.76 2.23 -4.60
C ILE C 262 -24.00 2.83 -5.78
N PHE C 263 -22.96 3.60 -5.48
CA PHE C 263 -22.09 4.18 -6.51
C PHE C 263 -21.38 3.10 -7.32
N LEU C 264 -20.81 2.11 -6.63
CA LEU C 264 -20.04 1.05 -7.28
C LEU C 264 -20.86 0.16 -8.21
N VAL C 265 -22.13 -0.05 -7.89
CA VAL C 265 -23.01 -0.88 -8.72
C VAL C 265 -23.62 -0.11 -9.91
N SER C 266 -23.53 1.21 -9.88
CA SER C 266 -24.16 2.08 -10.88
C SER C 266 -23.36 2.22 -12.17
N GLY C 267 -23.97 2.89 -13.16
CA GLY C 267 -23.30 3.20 -14.43
C GLY C 267 -22.25 4.30 -14.32
N SER C 268 -22.23 4.98 -13.16
CA SER C 268 -21.20 5.98 -12.86
C SER C 268 -19.85 5.34 -12.50
N ALA C 269 -19.84 4.01 -12.35
CA ALA C 269 -18.63 3.28 -11.96
C ALA C 269 -18.29 2.17 -12.96
N GLN C 270 -18.72 2.35 -14.20
CA GLN C 270 -18.62 1.35 -15.27
C GLN C 270 -17.18 0.92 -15.58
N TYR C 271 -16.21 1.77 -15.23
CA TYR C 271 -14.81 1.49 -15.50
C TYR C 271 -14.02 1.12 -14.23
N ILE C 272 -14.70 1.17 -13.09
CA ILE C 272 -14.08 0.87 -11.81
C ILE C 272 -14.15 -0.62 -11.48
N THR C 273 -12.98 -1.26 -11.42
CA THR C 273 -12.88 -2.63 -10.88
C THR C 273 -11.54 -2.82 -10.15
N GLY C 274 -11.56 -3.64 -9.09
CA GLY C 274 -10.37 -3.88 -8.28
C GLY C 274 -10.05 -2.74 -7.32
N SER C 275 -10.97 -1.80 -7.21
CA SER C 275 -10.81 -0.65 -6.32
C SER C 275 -11.48 -0.88 -4.99
N ILE C 276 -10.86 -0.37 -3.93
CA ILE C 276 -11.46 -0.37 -2.61
C ILE C 276 -11.62 1.09 -2.17
N ILE C 277 -12.86 1.48 -1.88
CA ILE C 277 -13.16 2.82 -1.40
C ILE C 277 -13.26 2.82 0.13
N LYS C 278 -12.35 3.57 0.77
CA LYS C 278 -12.43 3.81 2.22
C LYS C 278 -13.57 4.78 2.53
N VAL C 279 -14.38 4.42 3.52
CA VAL C 279 -15.43 5.29 4.06
C VAL C 279 -15.23 5.31 5.58
N ASP C 280 -14.21 6.06 6.01
CA ASP C 280 -13.73 6.01 7.38
C ASP C 280 -13.62 7.39 8.07
N GLY C 281 -13.95 8.44 7.32
CA GLY C 281 -13.83 9.81 7.83
C GLY C 281 -12.41 10.24 8.17
N GLY C 282 -11.43 9.59 7.55
CA GLY C 282 -10.01 9.89 7.77
C GLY C 282 -9.35 9.13 8.91
N LEU C 283 -10.06 8.14 9.47
CA LEU C 283 -9.61 7.41 10.66
C LEU C 283 -8.28 6.66 10.45
N SER C 284 -8.13 6.03 9.29
CA SER C 284 -6.93 5.29 8.94
C SER C 284 -5.68 6.17 8.79
N LEU C 285 -5.87 7.47 8.64
CA LEU C 285 -4.79 8.44 8.48
C LEU C 285 -4.21 8.94 9.80
N VAL C 286 -4.87 8.62 10.90
CA VAL C 286 -4.46 9.11 12.22
C VAL C 286 -3.42 8.18 12.86
N HIS C 287 -2.26 8.75 13.19
CA HIS C 287 -1.19 8.00 13.85
C HIS C 287 -1.54 7.65 15.30
N ALA C 288 -0.79 6.70 15.86
CA ALA C 288 -0.99 6.21 17.23
C ALA C 288 -1.10 7.32 18.26
N GLU D 22 -28.64 30.30 -4.24
CA GLU D 22 -27.16 30.36 -4.42
C GLU D 22 -26.62 28.99 -4.86
N ALA D 23 -26.21 28.89 -6.12
CA ALA D 23 -25.61 27.67 -6.65
C ALA D 23 -24.14 27.59 -6.24
N PRO D 24 -23.66 26.38 -5.88
CA PRO D 24 -22.27 26.22 -5.46
C PRO D 24 -21.27 26.51 -6.59
N ALA D 25 -20.02 26.80 -6.21
CA ALA D 25 -18.99 27.12 -7.19
C ALA D 25 -17.78 26.20 -7.08
N ALA D 26 -17.15 25.94 -8.22
CA ALA D 26 -16.02 25.01 -8.32
C ALA D 26 -14.88 25.58 -9.17
N VAL D 27 -13.65 25.32 -8.72
CA VAL D 27 -12.46 25.60 -9.53
C VAL D 27 -11.91 24.29 -10.08
N VAL D 28 -11.77 24.23 -11.40
CA VAL D 28 -11.12 23.10 -12.08
C VAL D 28 -9.88 23.61 -12.80
N THR D 29 -8.71 23.11 -12.41
CA THR D 29 -7.47 23.49 -13.10
C THR D 29 -7.29 22.65 -14.36
N GLY D 30 -6.61 23.23 -15.37
CA GLY D 30 -6.42 22.59 -16.67
C GLY D 30 -7.73 22.12 -17.27
N ALA D 31 -8.73 23.00 -17.24
CA ALA D 31 -10.11 22.63 -17.56
C ALA D 31 -10.52 22.86 -19.03
N ALA D 32 -9.60 23.34 -19.85
CA ALA D 32 -9.92 23.70 -21.24
C ALA D 32 -10.13 22.50 -22.16
N LYS D 33 -9.44 21.40 -21.86
CA LYS D 33 -9.42 20.23 -22.74
C LYS D 33 -9.49 18.91 -21.97
N ARG D 34 -9.90 17.85 -22.68
CA ARG D 34 -9.77 16.46 -22.21
C ARG D 34 -10.49 16.18 -20.87
N ILE D 35 -9.79 15.55 -19.93
CA ILE D 35 -10.38 15.15 -18.65
C ILE D 35 -10.88 16.34 -17.82
N GLY D 36 -10.04 17.38 -17.72
CA GLY D 36 -10.40 18.61 -17.00
C GLY D 36 -11.68 19.24 -17.53
N ARG D 37 -11.81 19.28 -18.86
CA ARG D 37 -13.00 19.81 -19.53
C ARG D 37 -14.25 19.00 -19.18
N ALA D 38 -14.13 17.67 -19.26
CA ALA D 38 -15.22 16.76 -18.95
C ALA D 38 -15.66 16.84 -17.48
N ILE D 39 -14.71 17.11 -16.59
CA ILE D 39 -14.99 17.35 -15.16
C ILE D 39 -15.73 18.67 -14.97
N ALA D 40 -15.30 19.72 -15.68
CA ALA D 40 -15.95 21.03 -15.63
C ALA D 40 -17.39 20.97 -16.15
N VAL D 41 -17.58 20.25 -17.25
CA VAL D 41 -18.90 20.07 -17.87
C VAL D 41 -19.88 19.34 -16.94
N LYS D 42 -19.45 18.20 -16.41
CA LYS D 42 -20.28 17.42 -15.48
C LYS D 42 -20.63 18.16 -14.20
N LEU D 43 -19.66 18.90 -13.65
CA LEU D 43 -19.91 19.75 -12.48
C LEU D 43 -20.97 20.81 -12.77
N HIS D 44 -20.87 21.41 -13.96
CA HIS D 44 -21.84 22.40 -14.41
C HIS D 44 -23.23 21.78 -14.58
N GLN D 45 -23.28 20.58 -15.14
CA GLN D 45 -24.53 19.84 -15.31
C GLN D 45 -25.15 19.44 -13.95
N THR D 46 -24.30 19.31 -12.94
CA THR D 46 -24.72 19.02 -11.57
C THR D 46 -25.21 20.30 -10.86
N GLY D 47 -25.07 21.44 -11.53
CA GLY D 47 -25.57 22.71 -11.00
C GLY D 47 -24.53 23.65 -10.44
N TYR D 48 -23.25 23.29 -10.60
CA TYR D 48 -22.14 24.11 -10.12
C TYR D 48 -21.83 25.24 -11.08
N ARG D 49 -21.40 26.36 -10.52
CA ARG D 49 -20.80 27.43 -11.30
C ARG D 49 -19.29 27.17 -11.33
N VAL D 50 -18.68 27.28 -12.50
CA VAL D 50 -17.30 26.83 -12.67
C VAL D 50 -16.29 27.88 -13.11
N VAL D 51 -15.10 27.83 -12.50
CA VAL D 51 -13.95 28.58 -12.97
C VAL D 51 -13.08 27.67 -13.83
N ILE D 52 -12.92 28.07 -15.10
CA ILE D 52 -12.15 27.29 -16.06
CA ILE D 52 -12.15 27.30 -16.07
C ILE D 52 -10.71 27.80 -16.12
N HIS D 53 -9.82 27.12 -15.40
CA HIS D 53 -8.41 27.48 -15.43
C HIS D 53 -7.73 26.87 -16.65
N TYR D 54 -6.91 27.69 -17.30
CA TYR D 54 -6.09 27.24 -18.43
C TYR D 54 -4.70 27.85 -18.35
N HIS D 55 -3.76 27.28 -19.10
CA HIS D 55 -2.43 27.85 -19.20
C HIS D 55 -2.22 28.45 -20.61
N ASN D 56 -2.20 27.59 -21.63
CA ASN D 56 -2.02 28.03 -23.02
C ASN D 56 -3.26 27.86 -23.90
N SER D 57 -4.18 26.98 -23.49
CA SER D 57 -5.38 26.70 -24.28
C SER D 57 -6.44 27.79 -24.10
N ALA D 58 -6.12 28.99 -24.58
CA ALA D 58 -6.99 30.16 -24.41
C ALA D 58 -8.28 30.06 -25.22
N GLU D 59 -8.17 29.58 -26.46
CA GLU D 59 -9.32 29.46 -27.34
C GLU D 59 -10.32 28.41 -26.87
N ALA D 60 -9.81 27.27 -26.40
CA ALA D 60 -10.65 26.18 -25.89
C ALA D 60 -11.38 26.54 -24.60
N ALA D 61 -10.71 27.27 -23.71
CA ALA D 61 -11.29 27.69 -22.43
C ALA D 61 -12.42 28.70 -22.62
N VAL D 62 -12.16 29.72 -23.42
CA VAL D 62 -13.16 30.73 -23.77
C VAL D 62 -14.37 30.08 -24.47
N SER D 63 -14.10 29.15 -25.37
CA SER D 63 -15.14 28.39 -26.06
C SER D 63 -16.00 27.54 -25.11
N LEU D 64 -15.35 26.92 -24.12
CA LEU D 64 -16.06 26.13 -23.10
C LEU D 64 -16.94 27.02 -22.22
N ALA D 65 -16.40 28.16 -21.79
CA ALA D 65 -17.16 29.12 -20.99
C ALA D 65 -18.40 29.63 -21.72
N ASP D 66 -18.28 29.81 -23.04
CA ASP D 66 -19.40 30.19 -23.89
C ASP D 66 -20.52 29.15 -23.85
N GLU D 67 -20.19 27.90 -24.18
CA GLU D 67 -21.14 26.79 -24.17
C GLU D 67 -21.90 26.68 -22.85
N LEU D 68 -21.18 26.77 -21.73
CA LEU D 68 -21.76 26.62 -20.39
C LEU D 68 -22.59 27.83 -19.99
N ASN D 69 -22.16 29.02 -20.39
CA ASN D 69 -22.91 30.25 -20.13
C ASN D 69 -24.17 30.36 -21.00
N LYS D 70 -24.13 29.74 -22.18
CA LYS D 70 -25.30 29.70 -23.07
C LYS D 70 -26.42 28.85 -22.47
N GLU D 71 -26.04 27.75 -21.82
CA GLU D 71 -27.00 26.85 -21.18
C GLU D 71 -27.54 27.45 -19.88
N ARG D 72 -26.67 28.10 -19.11
CA ARG D 72 -27.04 28.82 -17.90
C ARG D 72 -26.15 30.05 -17.74
N SER D 73 -26.76 31.23 -17.85
CA SER D 73 -26.03 32.49 -17.87
C SER D 73 -25.31 32.81 -16.55
N ASN D 74 -24.13 33.42 -16.67
CA ASN D 74 -23.30 33.82 -15.53
C ASN D 74 -22.86 32.66 -14.62
N THR D 75 -22.53 31.51 -15.22
CA THR D 75 -22.11 30.33 -14.47
C THR D 75 -20.67 29.90 -14.74
N ALA D 76 -20.04 30.50 -15.75
CA ALA D 76 -18.67 30.10 -16.14
C ALA D 76 -17.76 31.29 -16.42
N VAL D 77 -16.56 31.25 -15.85
CA VAL D 77 -15.50 32.21 -16.15
C VAL D 77 -14.20 31.49 -16.50
N VAL D 78 -13.26 32.22 -17.11
CA VAL D 78 -11.93 31.68 -17.37
C VAL D 78 -10.88 32.30 -16.43
N CYS D 79 -9.76 31.61 -16.26
CA CYS D 79 -8.66 32.06 -15.43
C CYS D 79 -7.32 31.50 -15.94
N GLN D 80 -6.48 32.39 -16.46
CA GLN D 80 -5.18 32.00 -16.98
C GLN D 80 -4.11 32.02 -15.89
N ALA D 81 -3.37 30.93 -15.76
CA ALA D 81 -2.24 30.84 -14.83
C ALA D 81 -1.25 29.75 -15.20
N ASP D 82 0.03 30.10 -15.15
CA ASP D 82 1.12 29.14 -15.23
C ASP D 82 1.31 28.54 -13.84
N LEU D 83 1.26 27.21 -13.76
CA LEU D 83 1.37 26.50 -12.48
C LEU D 83 2.75 25.87 -12.25
N THR D 84 3.73 26.35 -13.01
CA THR D 84 5.13 25.99 -12.83
C THR D 84 5.59 26.53 -11.48
N ASN D 85 6.43 25.75 -10.78
CA ASN D 85 7.00 26.18 -9.51
C ASN D 85 7.91 27.40 -9.66
N SER D 86 7.66 28.41 -8.84
CA SER D 86 8.46 29.63 -8.78
C SER D 86 8.08 30.39 -7.52
N ASN D 87 8.75 31.52 -7.28
CA ASN D 87 8.44 32.36 -6.12
C ASN D 87 7.13 33.13 -6.26
N VAL D 88 6.61 33.22 -7.48
CA VAL D 88 5.34 33.89 -7.76
C VAL D 88 4.14 32.92 -7.77
N LEU D 89 4.43 31.62 -7.78
CA LEU D 89 3.38 30.59 -7.81
C LEU D 89 2.36 30.70 -6.66
N PRO D 90 2.83 30.96 -5.42
CA PRO D 90 1.86 31.17 -4.33
C PRO D 90 0.82 32.26 -4.66
N ALA D 91 1.28 33.33 -5.31
CA ALA D 91 0.40 34.43 -5.72
C ALA D 91 -0.59 34.02 -6.82
N SER D 92 -0.11 33.26 -7.81
CA SER D 92 -0.95 32.76 -8.90
C SER D 92 -2.09 31.87 -8.39
N CYS D 93 -1.76 30.99 -7.45
CA CYS D 93 -2.75 30.11 -6.82
C CYS D 93 -3.75 30.87 -5.97
N GLU D 94 -3.26 31.86 -5.22
CA GLU D 94 -4.10 32.76 -4.44
C GLU D 94 -5.12 33.45 -5.33
N GLU D 95 -4.66 33.87 -6.51
CA GLU D 95 -5.49 34.57 -7.49
C GLU D 95 -6.56 33.68 -8.13
N ILE D 96 -6.22 32.43 -8.43
CA ILE D 96 -7.18 31.47 -8.99
C ILE D 96 -8.37 31.29 -8.05
N ILE D 97 -8.09 31.13 -6.76
CA ILE D 97 -9.13 31.02 -5.73
C ILE D 97 -9.91 32.34 -5.61
N ASN D 98 -9.19 33.45 -5.56
CA ASN D 98 -9.80 34.80 -5.55
C ASN D 98 -10.72 35.04 -6.75
N SER D 99 -10.36 34.44 -7.88
CA SER D 99 -11.14 34.52 -9.12
C SER D 99 -12.50 33.82 -8.98
N CYS D 100 -12.58 32.82 -8.10
CA CYS D 100 -13.84 32.13 -7.84
C CYS D 100 -14.73 32.98 -6.95
N PHE D 101 -14.13 33.60 -5.93
CA PHE D 101 -14.86 34.49 -5.04
C PHE D 101 -15.30 35.78 -5.74
N ARG D 102 -14.52 36.24 -6.71
CA ARG D 102 -14.81 37.45 -7.48
C ARG D 102 -16.05 37.25 -8.37
N ALA D 103 -16.07 36.16 -9.12
CA ALA D 103 -17.18 35.85 -10.03
C ALA D 103 -18.42 35.34 -9.30
N PHE D 104 -18.23 34.49 -8.29
CA PHE D 104 -19.36 33.75 -7.70
C PHE D 104 -19.62 33.99 -6.21
N GLY D 105 -18.73 34.71 -5.53
CA GLY D 105 -18.89 35.02 -4.12
C GLY D 105 -18.69 33.86 -3.15
N ARG D 106 -18.32 32.71 -3.71
CA ARG D 106 -18.09 31.48 -2.93
C ARG D 106 -17.17 30.53 -3.70
N CYS D 107 -16.61 29.55 -3.00
CA CYS D 107 -15.80 28.50 -3.62
C CYS D 107 -15.91 27.21 -2.81
N ASP D 108 -16.70 26.28 -3.33
CA ASP D 108 -17.06 25.06 -2.61
C ASP D 108 -16.20 23.87 -3.00
N VAL D 109 -15.75 23.85 -4.26
CA VAL D 109 -14.99 22.72 -4.79
C VAL D 109 -13.69 23.18 -5.48
N LEU D 110 -12.60 22.47 -5.18
CA LEU D 110 -11.36 22.58 -5.92
C LEU D 110 -11.00 21.23 -6.56
N VAL D 111 -10.79 21.23 -7.88
CA VAL D 111 -10.32 20.05 -8.60
C VAL D 111 -8.92 20.31 -9.15
N ASN D 112 -7.94 19.60 -8.60
CA ASN D 112 -6.55 19.69 -9.07
C ASN D 112 -6.29 18.72 -10.22
N ASN D 113 -6.46 19.22 -11.44
CA ASN D 113 -6.37 18.41 -12.65
C ASN D 113 -5.15 18.73 -13.52
N ALA D 114 -4.76 20.01 -13.56
CA ALA D 114 -3.60 20.45 -14.35
C ALA D 114 -2.35 19.63 -14.05
N SER D 115 -1.56 19.35 -15.09
CA SER D 115 -0.45 18.41 -14.98
C SER D 115 0.43 18.38 -16.23
N ALA D 116 1.74 18.56 -16.03
CA ALA D 116 2.73 18.33 -17.07
C ALA D 116 3.16 16.86 -17.03
N PHE D 117 3.42 16.28 -18.21
CA PHE D 117 3.67 14.85 -18.34
C PHE D 117 4.66 14.58 -19.47
N TYR D 118 5.92 14.32 -19.10
CA TYR D 118 6.98 14.00 -20.06
C TYR D 118 8.19 13.33 -19.38
N PRO D 119 8.95 12.51 -20.14
CA PRO D 119 10.06 11.76 -19.54
C PRO D 119 11.20 12.62 -19.04
N THR D 120 11.80 12.20 -17.94
CA THR D 120 13.04 12.79 -17.44
C THR D 120 14.00 11.65 -17.09
N PRO D 121 14.70 11.10 -18.11
CA PRO D 121 15.64 10.00 -17.86
C PRO D 121 16.76 10.42 -16.92
N LEU D 122 17.21 9.47 -16.09
CA LEU D 122 18.26 9.73 -15.11
C LEU D 122 19.65 9.72 -15.73
N VAL D 123 19.78 8.99 -16.85
CA VAL D 123 21.04 8.93 -17.60
C VAL D 123 20.81 9.38 -19.04
N GLY D 133 14.66 18.23 -23.43
CA GLY D 133 14.93 19.44 -24.21
C GLY D 133 15.05 20.69 -23.35
N LYS D 134 14.36 20.69 -22.23
CA LYS D 134 14.41 21.79 -21.27
C LYS D 134 15.53 21.53 -20.27
N THR D 135 15.93 22.57 -19.54
CA THR D 135 16.90 22.42 -18.46
C THR D 135 16.28 21.62 -17.33
N VAL D 136 17.11 20.89 -16.58
CA VAL D 136 16.64 20.06 -15.47
C VAL D 136 15.85 20.88 -14.45
N GLU D 137 16.32 22.10 -14.16
CA GLU D 137 15.63 23.03 -13.25
C GLU D 137 14.21 23.36 -13.71
N THR D 138 14.04 23.56 -15.02
CA THR D 138 12.74 23.82 -15.62
C THR D 138 11.83 22.58 -15.57
N GLN D 139 12.42 21.40 -15.77
CA GLN D 139 11.72 20.12 -15.68
C GLN D 139 11.24 19.86 -14.26
N VAL D 140 12.11 20.09 -13.28
CA VAL D 140 11.76 19.99 -11.86
C VAL D 140 10.59 20.92 -11.55
N ALA D 141 10.69 22.16 -12.00
CA ALA D 141 9.69 23.20 -11.71
C ALA D 141 8.31 22.91 -12.31
N GLU D 142 8.29 22.36 -13.52
CA GLU D 142 7.03 22.05 -14.20
C GLU D 142 6.35 20.78 -13.67
N LEU D 143 7.13 19.70 -13.55
CA LEU D 143 6.59 18.41 -13.12
C LEU D 143 6.23 18.34 -11.64
N ILE D 144 7.07 18.90 -10.78
CA ILE D 144 6.77 18.95 -9.35
C ILE D 144 5.80 20.10 -9.05
N GLY D 145 5.98 21.22 -9.76
CA GLY D 145 5.10 22.38 -9.59
C GLY D 145 3.64 22.08 -9.85
N THR D 146 3.34 21.62 -11.06
CA THR D 146 1.95 21.38 -11.49
C THR D 146 1.28 20.21 -10.77
N ASN D 147 2.03 19.13 -10.57
CA ASN D 147 1.50 17.90 -10.01
C ASN D 147 1.46 17.84 -8.48
N ALA D 148 2.21 18.72 -7.81
CA ALA D 148 2.33 18.66 -6.35
C ALA D 148 2.26 20.02 -5.65
N ILE D 149 3.12 20.95 -6.06
CA ILE D 149 3.26 22.24 -5.36
C ILE D 149 2.04 23.16 -5.56
N ALA D 150 1.62 23.35 -6.81
CA ALA D 150 0.42 24.14 -7.10
C ALA D 150 -0.83 23.59 -6.40
N PRO D 151 -1.08 22.26 -6.49
CA PRO D 151 -2.12 21.64 -5.65
C PRO D 151 -2.01 21.97 -4.15
N PHE D 152 -0.80 21.99 -3.61
CA PHE D 152 -0.58 22.36 -2.20
C PHE D 152 -0.95 23.82 -1.92
N LEU D 153 -0.54 24.72 -2.80
CA LEU D 153 -0.78 26.16 -2.61
C LEU D 153 -2.24 26.53 -2.88
N LEU D 154 -2.87 25.83 -3.81
CA LEU D 154 -4.29 26.01 -4.11
C LEU D 154 -5.17 25.53 -2.95
N THR D 155 -4.77 24.41 -2.34
CA THR D 155 -5.42 23.86 -1.15
C THR D 155 -5.31 24.81 0.02
N MET D 156 -4.13 25.41 0.17
CA MET D 156 -3.85 26.40 1.21
C MET D 156 -4.70 27.66 1.05
N SER D 157 -4.71 28.21 -0.18
CA SER D 157 -5.52 29.38 -0.50
C SER D 157 -7.02 29.10 -0.40
N PHE D 158 -7.44 27.93 -0.91
CA PHE D 158 -8.83 27.48 -0.83
C PHE D 158 -9.34 27.52 0.61
N ALA D 159 -8.61 26.86 1.51
CA ALA D 159 -9.00 26.73 2.92
C ALA D 159 -8.84 28.03 3.72
N GLN D 160 -7.96 28.92 3.24
CA GLN D 160 -7.73 30.19 3.93
C GLN D 160 -8.94 31.11 3.79
N ARG D 161 -9.64 30.98 2.66
CA ARG D 161 -10.81 31.81 2.36
C ARG D 161 -12.12 31.28 2.97
N GLN D 162 -12.12 30.03 3.42
CA GLN D 162 -13.30 29.45 4.07
C GLN D 162 -13.38 29.87 5.53
N SER D 172 -22.98 22.95 4.70
CA SER D 172 -22.23 23.07 3.44
C SER D 172 -21.45 21.78 3.12
N ASN D 173 -20.99 21.69 1.88
CA ASN D 173 -20.21 20.54 1.43
C ASN D 173 -18.97 20.98 0.65
N LEU D 174 -17.93 21.37 1.38
CA LEU D 174 -16.66 21.78 0.78
C LEU D 174 -15.77 20.57 0.59
N SER D 175 -15.21 20.42 -0.61
CA SER D 175 -14.32 19.28 -0.89
C SER D 175 -13.27 19.60 -1.94
N ILE D 176 -12.20 18.81 -1.91
CA ILE D 176 -11.11 18.91 -2.88
C ILE D 176 -10.86 17.53 -3.50
N VAL D 177 -10.75 17.50 -4.83
CA VAL D 177 -10.42 16.28 -5.55
C VAL D 177 -9.10 16.48 -6.30
N ASN D 178 -8.14 15.62 -6.01
CA ASN D 178 -6.84 15.63 -6.65
C ASN D 178 -6.76 14.52 -7.70
N LEU D 179 -6.38 14.87 -8.92
CA LEU D 179 -6.24 13.85 -9.96
C LEU D 179 -4.89 13.18 -9.88
N CYS D 180 -4.91 11.95 -9.37
CA CYS D 180 -3.69 11.20 -9.08
C CYS D 180 -3.37 10.23 -10.23
N ASP D 181 -2.73 9.10 -9.93
CA ASP D 181 -2.33 8.13 -10.96
C ASP D 181 -2.33 6.70 -10.41
N ALA D 182 -3.15 5.84 -11.01
CA ALA D 182 -3.29 4.45 -10.58
C ALA D 182 -2.00 3.63 -10.74
N MET D 183 -1.12 4.08 -11.65
CA MET D 183 0.13 3.37 -11.96
C MET D 183 1.33 3.89 -11.18
N VAL D 184 1.06 4.51 -10.04
CA VAL D 184 2.08 5.21 -9.26
C VAL D 184 3.15 4.27 -8.66
N ASP D 185 2.78 3.04 -8.37
CA ASP D 185 3.73 2.05 -7.84
C ASP D 185 4.30 1.15 -8.93
N GLN D 186 3.81 1.33 -10.16
CA GLN D 186 4.29 0.62 -11.34
C GLN D 186 4.52 1.66 -12.44
N PRO D 187 5.53 2.52 -12.24
CA PRO D 187 5.61 3.74 -13.05
C PRO D 187 6.16 3.49 -14.46
N CYS D 188 5.89 4.44 -15.35
CA CYS D 188 6.48 4.43 -16.69
C CYS D 188 7.98 4.61 -16.58
N MET D 189 8.72 3.94 -17.46
CA MET D 189 10.18 4.04 -17.50
C MET D 189 10.62 5.46 -17.83
N ALA D 190 11.57 5.97 -17.04
CA ALA D 190 12.18 7.30 -17.24
C ALA D 190 11.27 8.49 -16.92
N PHE D 191 10.26 8.26 -16.07
CA PHE D 191 9.32 9.32 -15.66
C PHE D 191 9.45 9.68 -14.18
N SER D 192 10.68 9.67 -13.66
CA SER D 192 10.96 9.89 -12.23
C SER D 192 10.29 11.14 -11.64
N LEU D 193 10.56 12.30 -12.23
CA LEU D 193 10.01 13.56 -11.73
C LEU D 193 8.48 13.63 -11.76
N TYR D 194 7.87 13.10 -12.83
CA TYR D 194 6.41 13.00 -12.91
C TYR D 194 5.88 12.10 -11.80
N ASN D 195 6.47 10.91 -11.67
CA ASN D 195 6.10 9.92 -10.66
C ASN D 195 6.27 10.45 -9.23
N MET D 196 7.36 11.18 -9.00
CA MET D 196 7.61 11.86 -7.73
C MET D 196 6.52 12.88 -7.41
N GLY D 197 6.08 13.60 -8.43
CA GLY D 197 5.02 14.60 -8.30
C GLY D 197 3.69 13.98 -7.91
N LYS D 198 3.36 12.85 -8.55
CA LYS D 198 2.13 12.13 -8.26
C LYS D 198 2.16 11.45 -6.88
N HIS D 199 3.32 10.92 -6.51
CA HIS D 199 3.52 10.35 -5.17
C HIS D 199 3.29 11.42 -4.10
N ALA D 200 3.85 12.60 -4.32
CA ALA D 200 3.71 13.73 -3.41
C ALA D 200 2.27 14.23 -3.34
N LEU D 201 1.53 14.07 -4.44
CA LEU D 201 0.11 14.40 -4.50
C LEU D 201 -0.77 13.48 -3.65
N VAL D 202 -0.41 12.19 -3.60
CA VAL D 202 -1.04 11.23 -2.70
C VAL D 202 -0.84 11.68 -1.25
N GLY D 203 0.39 12.09 -0.94
CA GLY D 203 0.76 12.58 0.39
C GLY D 203 0.03 13.84 0.79
N LEU D 204 -0.16 14.76 -0.17
CA LEU D 204 -0.95 15.96 0.05
C LEU D 204 -2.41 15.62 0.33
N THR D 205 -2.98 14.73 -0.47
CA THR D 205 -4.37 14.30 -0.32
C THR D 205 -4.63 13.80 1.11
N GLN D 206 -3.72 12.96 1.61
CA GLN D 206 -3.84 12.39 2.95
C GLN D 206 -3.57 13.41 4.06
N SER D 207 -2.57 14.27 3.85
CA SER D 207 -2.20 15.30 4.81
C SER D 207 -3.29 16.37 4.93
N ALA D 208 -3.79 16.84 3.79
CA ALA D 208 -4.84 17.85 3.75
C ALA D 208 -6.16 17.32 4.28
N ALA D 209 -6.47 16.05 3.98
CA ALA D 209 -7.67 15.41 4.53
C ALA D 209 -7.63 15.42 6.05
N LEU D 210 -6.48 15.04 6.61
CA LEU D 210 -6.28 15.01 8.06
C LEU D 210 -6.39 16.41 8.66
N GLU D 211 -5.72 17.38 8.03
CA GLU D 211 -5.61 18.74 8.58
C GLU D 211 -6.87 19.59 8.40
N LEU D 212 -7.55 19.43 7.26
CA LEU D 212 -8.71 20.26 6.92
C LEU D 212 -10.03 19.72 7.46
N ALA D 213 -10.02 18.48 7.96
CA ALA D 213 -11.21 17.83 8.51
C ALA D 213 -11.98 18.62 9.58
N PRO D 214 -11.27 19.29 10.53
CA PRO D 214 -11.96 20.15 11.51
C PRO D 214 -12.73 21.31 10.90
N TYR D 215 -12.45 21.62 9.63
CA TYR D 215 -13.08 22.74 8.94
C TYR D 215 -14.20 22.29 8.01
N GLY D 216 -14.47 20.98 8.01
CA GLY D 216 -15.50 20.39 7.17
C GLY D 216 -15.11 20.26 5.72
N ILE D 217 -13.81 20.31 5.44
CA ILE D 217 -13.30 20.17 4.08
C ILE D 217 -12.76 18.75 3.87
N ARG D 218 -13.38 18.03 2.93
CA ARG D 218 -12.96 16.68 2.58
C ARG D 218 -11.96 16.72 1.44
N VAL D 219 -10.94 15.88 1.50
CA VAL D 219 -9.89 15.87 0.49
C VAL D 219 -9.66 14.46 -0.05
N ASN D 220 -10.01 14.26 -1.31
CA ASN D 220 -9.96 12.95 -1.94
C ASN D 220 -9.21 12.95 -3.27
N GLY D 221 -8.99 11.76 -3.81
CA GLY D 221 -8.32 11.62 -5.10
C GLY D 221 -9.04 10.68 -6.05
N VAL D 222 -8.85 10.92 -7.34
CA VAL D 222 -9.28 10.01 -8.38
C VAL D 222 -8.03 9.63 -9.17
N ALA D 223 -7.80 8.34 -9.33
CA ALA D 223 -6.60 7.82 -9.98
C ALA D 223 -6.91 7.06 -11.25
N PRO D 224 -6.85 7.75 -12.40
CA PRO D 224 -7.01 7.06 -13.70
C PRO D 224 -5.81 6.17 -14.02
N GLY D 225 -6.06 5.10 -14.76
CA GLY D 225 -4.98 4.27 -15.31
C GLY D 225 -4.68 4.74 -16.71
N VAL D 226 -5.28 4.07 -17.69
CA VAL D 226 -5.26 4.55 -19.07
C VAL D 226 -6.61 5.22 -19.39
N SER D 227 -6.57 6.53 -19.58
CA SER D 227 -7.73 7.30 -19.99
C SER D 227 -7.45 7.90 -21.37
N LEU D 228 -7.88 9.13 -21.62
CA LEU D 228 -7.58 9.80 -22.89
C LEU D 228 -6.07 9.84 -23.11
N LEU D 229 -5.63 9.08 -24.11
CA LEU D 229 -4.21 8.93 -24.43
C LEU D 229 -3.64 10.21 -25.05
N PRO D 230 -2.34 10.50 -24.79
CA PRO D 230 -1.73 11.75 -25.27
C PRO D 230 -1.72 11.90 -26.78
N VAL D 231 -1.87 13.14 -27.25
CA VAL D 231 -1.91 13.48 -28.69
C VAL D 231 -0.66 13.00 -29.44
N ALA D 232 0.51 13.17 -28.82
CA ALA D 232 1.79 12.83 -29.43
C ALA D 232 2.06 11.33 -29.59
N MET D 233 1.24 10.50 -28.96
CA MET D 233 1.42 9.05 -28.99
C MET D 233 0.96 8.44 -30.31
N GLY D 234 1.74 7.47 -30.81
CA GLY D 234 1.38 6.72 -32.01
C GLY D 234 0.18 5.80 -31.79
N GLU D 235 -0.47 5.42 -32.89
CA GLU D 235 -1.70 4.62 -32.82
CA GLU D 235 -1.70 4.62 -32.84
C GLU D 235 -1.43 3.17 -32.41
N GLU D 236 -0.21 2.70 -32.66
CA GLU D 236 0.20 1.36 -32.28
C GLU D 236 0.59 1.28 -30.79
N GLU D 237 1.12 2.38 -30.26
CA GLU D 237 1.36 2.52 -28.82
C GLU D 237 0.02 2.56 -28.08
N LYS D 238 -0.93 3.32 -28.63
CA LYS D 238 -2.27 3.45 -28.06
C LYS D 238 -2.97 2.10 -27.92
N ASP D 239 -2.89 1.29 -28.98
CA ASP D 239 -3.50 -0.04 -28.99
C ASP D 239 -2.78 -1.02 -28.07
N LYS D 240 -1.46 -0.86 -27.95
CA LYS D 240 -0.66 -1.65 -27.03
C LYS D 240 -1.11 -1.47 -25.59
N TRP D 241 -1.44 -0.22 -25.24
CA TRP D 241 -1.91 0.12 -23.89
C TRP D 241 -3.38 -0.24 -23.69
N ARG D 242 -4.17 -0.12 -24.76
CA ARG D 242 -5.58 -0.49 -24.71
C ARG D 242 -5.77 -1.99 -24.46
N ARG D 243 -4.92 -2.80 -25.11
CA ARG D 243 -4.95 -4.27 -24.97
C ARG D 243 -4.60 -4.76 -23.57
N LYS D 244 -3.95 -3.91 -22.78
CA LYS D 244 -3.52 -4.25 -21.42
C LYS D 244 -4.66 -4.20 -20.41
N VAL D 245 -5.72 -3.46 -20.75
CA VAL D 245 -6.82 -3.22 -19.81
C VAL D 245 -7.78 -4.42 -19.72
N PRO D 246 -7.85 -5.07 -18.54
CA PRO D 246 -8.69 -6.26 -18.34
C PRO D 246 -10.17 -6.01 -18.62
N LEU D 247 -10.69 -4.87 -18.15
CA LEU D 247 -12.10 -4.53 -18.31
C LEU D 247 -12.37 -3.76 -19.59
N GLY D 248 -12.71 -4.48 -20.65
CA GLY D 248 -13.13 -3.86 -21.90
C GLY D 248 -12.05 -3.73 -22.96
N ARG D 249 -10.80 -3.97 -22.58
CA ARG D 249 -9.66 -3.84 -23.49
C ARG D 249 -9.59 -2.44 -24.13
N ARG D 250 -10.04 -1.44 -23.37
CA ARG D 250 -10.12 -0.06 -23.85
C ARG D 250 -9.75 0.93 -22.74
N GLU D 251 -9.60 2.20 -23.12
CA GLU D 251 -9.27 3.26 -22.17
C GLU D 251 -10.54 3.92 -21.61
N ALA D 252 -10.39 4.58 -20.47
CA ALA D 252 -11.48 5.34 -19.86
C ALA D 252 -11.77 6.59 -20.67
N SER D 253 -13.05 6.83 -20.94
CA SER D 253 -13.48 8.11 -21.47
C SER D 253 -13.29 9.16 -20.39
N ALA D 254 -13.08 10.40 -20.80
CA ALA D 254 -12.92 11.51 -19.85
C ALA D 254 -14.12 11.62 -18.91
N GLU D 255 -15.28 11.19 -19.38
CA GLU D 255 -16.54 11.28 -18.63
C GLU D 255 -16.61 10.24 -17.51
N GLN D 256 -16.02 9.07 -17.73
CA GLN D 256 -15.93 8.03 -16.71
C GLN D 256 -15.04 8.44 -15.53
N ILE D 257 -14.02 9.24 -15.82
CA ILE D 257 -13.18 9.84 -14.79
C ILE D 257 -13.95 10.93 -14.04
N ALA D 258 -14.71 11.73 -14.80
CA ALA D 258 -15.53 12.80 -14.22
C ALA D 258 -16.64 12.27 -13.31
N ASP D 259 -17.14 11.08 -13.62
CA ASP D 259 -18.16 10.41 -12.81
C ASP D 259 -17.68 10.14 -11.38
N ALA D 260 -16.41 9.75 -11.23
CA ALA D 260 -15.81 9.52 -9.91
C ALA D 260 -15.60 10.81 -9.13
N VAL D 261 -15.18 11.87 -9.83
CA VAL D 261 -15.04 13.21 -9.26
C VAL D 261 -16.38 13.71 -8.73
N ILE D 262 -17.41 13.58 -9.56
CA ILE D 262 -18.78 13.99 -9.22
C ILE D 262 -19.31 13.26 -7.99
N PHE D 263 -18.98 11.97 -7.85
CA PHE D 263 -19.37 11.20 -6.67
C PHE D 263 -18.71 11.72 -5.39
N LEU D 264 -17.42 12.05 -5.47
CA LEU D 264 -16.66 12.50 -4.30
C LEU D 264 -17.05 13.90 -3.80
N VAL D 265 -17.56 14.75 -4.69
CA VAL D 265 -18.04 16.07 -4.29
C VAL D 265 -19.50 16.06 -3.81
N SER D 266 -20.23 15.00 -4.13
CA SER D 266 -21.66 14.88 -3.82
C SER D 266 -21.94 14.57 -2.34
N GLY D 267 -23.22 14.66 -1.95
CA GLY D 267 -23.67 14.28 -0.62
C GLY D 267 -23.60 12.78 -0.31
N SER D 268 -23.41 11.97 -1.35
CA SER D 268 -23.24 10.51 -1.18
C SER D 268 -21.82 10.12 -0.74
N ALA D 269 -21.00 11.12 -0.45
CA ALA D 269 -19.60 10.88 -0.08
C ALA D 269 -19.15 11.74 1.11
N GLN D 270 -20.11 12.28 1.86
CA GLN D 270 -19.83 13.22 2.95
C GLN D 270 -19.08 12.61 4.15
N TYR D 271 -18.86 11.30 4.12
CA TYR D 271 -18.02 10.64 5.15
C TYR D 271 -16.68 10.17 4.56
N ILE D 272 -16.49 10.41 3.27
CA ILE D 272 -15.27 10.01 2.59
C ILE D 272 -14.26 11.15 2.57
N THR D 273 -13.12 10.91 3.22
CA THR D 273 -11.98 11.83 3.15
C THR D 273 -10.65 11.06 3.22
N GLY D 274 -9.67 11.50 2.44
CA GLY D 274 -8.37 10.83 2.37
C GLY D 274 -8.35 9.57 1.53
N SER D 275 -9.41 9.35 0.75
CA SER D 275 -9.52 8.16 -0.11
C SER D 275 -9.18 8.46 -1.56
N ILE D 276 -8.46 7.54 -2.18
CA ILE D 276 -8.14 7.61 -3.60
C ILE D 276 -8.89 6.49 -4.32
N ILE D 277 -9.69 6.87 -5.32
CA ILE D 277 -10.46 5.91 -6.08
C ILE D 277 -9.81 5.67 -7.44
N LYS D 278 -9.35 4.44 -7.66
CA LYS D 278 -8.82 4.04 -8.96
C LYS D 278 -9.95 3.91 -9.97
N VAL D 279 -9.74 4.50 -11.14
CA VAL D 279 -10.66 4.33 -12.27
C VAL D 279 -9.79 3.86 -13.44
N ASP D 280 -9.32 2.62 -13.35
CA ASP D 280 -8.29 2.07 -14.25
C ASP D 280 -8.68 0.77 -14.96
N GLY D 281 -9.91 0.30 -14.75
CA GLY D 281 -10.38 -0.94 -15.36
C GLY D 281 -9.54 -2.16 -15.04
N GLY D 282 -8.86 -2.15 -13.89
CA GLY D 282 -8.04 -3.26 -13.44
C GLY D 282 -6.60 -3.27 -13.92
N LEU D 283 -6.17 -2.21 -14.61
CA LEU D 283 -4.83 -2.14 -15.20
C LEU D 283 -3.71 -2.34 -14.17
N SER D 284 -3.89 -1.77 -12.99
CA SER D 284 -2.89 -1.84 -11.90
C SER D 284 -2.77 -3.22 -11.27
N LEU D 285 -3.69 -4.12 -11.60
CA LEU D 285 -3.68 -5.49 -11.08
C LEU D 285 -2.96 -6.48 -11.99
N VAL D 286 -2.59 -6.02 -13.19
CA VAL D 286 -1.90 -6.86 -14.17
C VAL D 286 -0.39 -6.84 -13.95
N HIS D 287 0.19 -8.02 -13.72
CA HIS D 287 1.63 -8.16 -13.57
C HIS D 287 2.34 -7.95 -14.92
N ALA D 288 3.65 -7.75 -14.87
CA ALA D 288 4.48 -7.60 -16.07
C ALA D 288 4.26 -8.75 -17.07
PA NAP E . 7.37 -24.91 -2.88
O1A NAP E . 8.52 -25.71 -3.37
O2A NAP E . 6.30 -24.83 -3.91
O5B NAP E . 6.77 -25.55 -1.54
C5B NAP E . 7.59 -25.66 -0.39
C4B NAP E . 7.17 -26.88 0.43
O4B NAP E . 5.87 -26.76 0.94
C3B NAP E . 7.14 -28.18 -0.35
O3B NAP E . 8.43 -28.75 -0.48
C2B NAP E . 6.20 -29.05 0.48
O2B NAP E . 6.90 -29.97 1.29
C1B NAP E . 5.48 -28.05 1.38
N9A NAP E . 4.04 -28.32 1.33
C8A NAP E . 3.20 -28.19 0.25
N7A NAP E . 1.95 -28.57 0.63
C5A NAP E . 1.98 -28.93 1.92
C6A NAP E . 1.01 -29.39 2.80
N6A NAP E . -0.26 -29.54 2.40
N1A NAP E . 1.35 -29.69 4.11
C2A NAP E . 2.66 -29.53 4.53
N3A NAP E . 3.62 -29.08 3.66
C4A NAP E . 3.29 -28.78 2.37
O3 NAP E . 7.90 -23.47 -2.42
PN NAP E . 9.15 -22.59 -2.92
O1N NAP E . 10.41 -23.19 -2.41
O2N NAP E . 8.97 -22.37 -4.38
O5D NAP E . 8.95 -21.17 -2.19
C5D NAP E . 9.22 -20.97 -0.81
C4D NAP E . 8.28 -19.92 -0.22
O4D NAP E . 8.44 -18.66 -0.87
C3D NAP E . 6.82 -20.33 -0.38
O3D NAP E . 6.12 -20.05 0.82
C2D NAP E . 6.31 -19.47 -1.51
O2D NAP E . 4.95 -19.15 -1.40
C1D NAP E . 7.22 -18.25 -1.48
N1N NAP E . 7.44 -17.78 -2.87
C2N NAP E . 8.18 -18.53 -3.75
C3N NAP E . 8.38 -18.07 -5.07
C7N NAP E . 9.18 -18.87 -6.04
O7N NAP E . 9.50 -18.29 -7.29
N7N NAP E . 9.57 -20.11 -5.73
C4N NAP E . 7.81 -16.86 -5.45
C5N NAP E . 7.05 -16.12 -4.56
C6N NAP E . 6.87 -16.59 -3.25
P2B NAP E . 7.15 -31.49 0.84
O1X NAP E . 7.94 -32.16 1.94
O2X NAP E . 7.95 -31.49 -0.45
O3X NAP E . 5.85 -32.22 0.63
CAF DX6 F . 4.54 -17.85 -10.62
CAD DX6 F . 3.91 -17.93 -11.86
CAC DX6 F . 4.65 -18.26 -13.00
CAE DX6 F . 6.02 -18.48 -12.88
CAG DX6 F . 6.65 -18.40 -11.65
CAN DX6 F . 5.91 -18.08 -10.51
CAI DX6 F . 6.59 -17.99 -9.15
CAJ DX6 F . 6.50 -19.35 -8.43
CAP DX6 F . 5.70 -19.26 -7.12
CAH DX6 F . 5.00 -18.21 -6.69
NAL DX6 F . 4.44 -18.51 -5.51
CAR DX6 F . 4.76 -19.75 -5.16
NAK DX6 F . 4.44 -20.50 -4.09
CAS DX6 F . 5.57 -20.27 -6.18
CAQ DX6 F . 6.04 -21.57 -6.07
OAB DX6 F . 6.76 -22.06 -6.94
NAM DX6 F . 5.70 -22.33 -4.94
CAO DX6 F . 4.89 -21.75 -3.95
NAA DX6 F . 4.56 -22.47 -2.89
PA NAP G . 17.87 15.51 11.03
O1A NAP G . 18.78 15.62 12.19
O2A NAP G . 16.58 16.18 11.28
O5B NAP G . 18.57 16.12 9.72
C5B NAP G . 19.76 15.53 9.25
C4B NAP G . 20.62 16.57 8.54
O4B NAP G . 19.96 17.14 7.44
C3B NAP G . 21.00 17.76 9.40
O3B NAP G . 22.09 17.48 10.25
C2B NAP G . 21.33 18.82 8.36
O2B NAP G . 22.72 18.96 8.18
C1B NAP G . 20.71 18.27 7.07
N9A NAP G . 19.97 19.35 6.41
C8A NAP G . 18.82 19.98 6.83
N7A NAP G . 18.50 20.94 5.94
C5A NAP G . 19.43 20.95 4.95
C6A NAP G . 19.58 21.72 3.80
N6A NAP G . 18.71 22.68 3.47
N1A NAP G . 20.65 21.48 2.96
C2A NAP G . 21.58 20.49 3.27
N3A NAP G . 21.41 19.73 4.42
C4A NAP G . 20.35 19.96 5.24
O3 NAP G . 17.65 13.96 10.64
PN NAP G . 17.57 12.62 11.54
O1N NAP G . 18.93 12.23 11.95
O2N NAP G . 16.52 12.82 12.57
O5D NAP G . 17.02 11.54 10.48
C5D NAP G . 17.75 11.16 9.32
C4D NAP G . 16.81 10.69 8.21
O4D NAP G . 15.86 9.75 8.70
C3D NAP G . 16.03 11.86 7.64
O3D NAP G . 15.92 11.71 6.24
C2D NAP G . 14.67 11.72 8.28
O2D NAP G . 13.63 12.25 7.50
C1D NAP G . 14.55 10.22 8.49
N1N NAP G . 13.66 9.97 9.64
C2N NAP G . 14.13 10.17 10.93
C3N NAP G . 13.29 9.94 12.01
C7N NAP G . 13.79 10.14 13.41
O7N NAP G . 12.98 9.71 14.49
N7N NAP G . 14.97 10.74 13.63
C4N NAP G . 11.97 9.52 11.79
C5N NAP G . 11.52 9.32 10.49
C6N NAP G . 12.37 9.55 9.42
P2B NAP G . 23.57 20.07 8.99
O1X NAP G . 24.97 20.06 8.45
O2X NAP G . 23.56 19.72 10.46
O3X NAP G . 22.93 21.42 8.81
CAF DX6 H . 8.12 13.13 14.49
CAD DX6 H . 7.09 13.87 15.05
CAC DX6 H . 6.98 13.98 16.44
CAE DX6 H . 7.92 13.37 17.25
CAG DX6 H . 8.97 12.63 16.69
CAN DX6 H . 9.07 12.51 15.31
CAI DX6 H . 10.21 11.71 14.70
CAJ DX6 H . 11.35 12.66 14.29
CAP DX6 H . 11.42 12.87 12.78
CAH DX6 H . 10.55 12.42 11.87
NAL DX6 H . 10.95 12.78 10.65
CAR DX6 H . 12.08 13.46 10.73
NAK DX6 H . 12.85 14.03 9.79
CAS DX6 H . 12.43 13.54 12.07
CAQ DX6 H . 13.59 14.22 12.45
OAB DX6 H . 13.94 14.31 13.63
NAM DX6 H . 14.38 14.80 11.45
CAO DX6 H . 13.98 14.69 10.12
NAA DX6 H . 14.72 15.24 9.16
PA NAP I . -22.15 -7.43 11.73
O1A NAP I . -23.35 -6.82 12.33
O2A NAP I . -21.14 -7.75 12.76
O5B NAP I . -22.53 -8.74 10.89
C5B NAP I . -23.41 -8.65 9.78
C4B NAP I . -24.20 -9.94 9.58
O4B NAP I . -23.35 -11.05 9.33
C3B NAP I . -25.04 -10.36 10.78
O3B NAP I . -26.31 -9.75 10.80
C2B NAP I . -25.15 -11.88 10.62
O2B NAP I . -26.41 -12.27 10.14
C1B NAP I . -24.09 -12.23 9.59
N9A NAP I . -23.27 -13.34 10.10
C8A NAP I . -22.40 -13.33 11.15
N7A NAP I . -21.88 -14.57 11.29
C5A NAP I . -22.39 -15.38 10.35
C6A NAP I . -22.21 -16.73 10.05
N6A NAP I . -21.37 -17.47 10.76
N1A NAP I . -22.90 -17.28 8.99
C2A NAP I . -23.77 -16.52 8.24
N3A NAP I . -23.96 -15.18 8.55
C4A NAP I . -23.28 -14.62 9.59
O3 NAP I . -21.55 -6.41 10.62
PN NAP I . -21.72 -4.83 10.43
O1N NAP I . -23.11 -4.54 10.01
O2N NAP I . -21.17 -4.17 11.64
O5D NAP I . -20.72 -4.52 9.19
C5D NAP I . -20.98 -5.01 7.89
C4D NAP I . -19.68 -5.21 7.11
O4D NAP I . -18.84 -4.06 7.17
C3D NAP I . -18.89 -6.37 7.66
O3D NAP I . -18.36 -7.13 6.58
C2D NAP I . -17.77 -5.72 8.43
O2D NAP I . -16.60 -6.50 8.50
C1D NAP I . -17.57 -4.40 7.69
N1N NAP I . -17.09 -3.38 8.65
C2N NAP I . -17.97 -2.83 9.55
C3N NAP I . -17.53 -1.88 10.47
C7N NAP I . -18.51 -1.29 11.45
O7N NAP I . -18.19 -0.07 12.09
N7N NAP I . -19.65 -1.91 11.72
C4N NAP I . -16.19 -1.50 10.47
C5N NAP I . -15.31 -2.08 9.56
C6N NAP I . -15.77 -3.02 8.65
P2B NAP I . -27.53 -12.88 11.13
O1X NAP I . -27.96 -11.79 12.08
O2X NAP I . -26.99 -14.04 11.94
O3X NAP I . -28.70 -13.33 10.29
CAF DX6 J . -13.77 -0.98 14.30
CAD DX6 J . -12.52 -0.92 14.92
CAC DX6 J . -12.44 -0.98 16.31
CAE DX6 J . -13.59 -1.11 17.09
CAG DX6 J . -14.83 -1.17 16.46
CAN DX6 J . -14.92 -1.10 15.07
CAI DX6 J . -16.29 -1.17 14.38
CAJ DX6 J . -16.92 -2.56 14.53
CAP DX6 J . -16.48 -3.57 13.45
CAH DX6 J . -15.34 -3.56 12.75
NAL DX6 J . -15.31 -4.60 11.92
CAR DX6 J . -16.43 -5.32 12.06
NAK DX6 J . -16.86 -6.44 11.47
CAS DX6 J . -17.19 -4.69 13.04
CAQ DX6 J . -18.42 -5.22 13.40
OAB DX6 J . -19.13 -4.70 14.26
NAM DX6 J . -18.86 -6.40 12.77
CAO DX6 J . -18.05 -6.98 11.78
NAA DX6 J . -18.45 -8.10 11.18
PA NAP K . -3.21 16.72 -19.83
O1A NAP K . -4.11 16.84 -20.99
O2A NAP K . -1.91 16.15 -20.23
O5B NAP K . -2.99 18.16 -19.12
C5B NAP K . -4.07 18.81 -18.52
C4B NAP K . -3.86 20.32 -18.53
O4B NAP K . -2.79 20.69 -17.70
C3B NAP K . -3.53 20.88 -19.90
O3B NAP K . -4.71 21.21 -20.62
C2B NAP K . -2.70 22.12 -19.58
O2B NAP K . -3.43 23.30 -19.77
C1B NAP K . -2.38 21.99 -18.09
N9A NAP K . -0.94 22.27 -17.88
C8A NAP K . 0.14 21.56 -18.36
N7A NAP K . 1.26 22.18 -17.95
C5A NAP K . 0.92 23.27 -17.21
C6A NAP K . 1.67 24.24 -16.55
N6A NAP K . 3.00 24.21 -16.57
N1A NAP K . 1.02 25.25 -15.88
C2A NAP K . -0.36 25.30 -15.84
N3A NAP K . -1.10 24.32 -16.49
C4A NAP K . -0.46 23.33 -17.17
O3 NAP K . -3.93 15.85 -18.69
PN NAP K . -5.10 14.75 -18.86
O1N NAP K . -6.36 15.44 -19.20
O2N NAP K . -4.55 13.69 -19.74
O5D NAP K . -5.25 14.11 -17.38
C5D NAP K . -5.90 14.79 -16.32
C4D NAP K . -5.33 14.34 -14.97
O4D NAP K . -5.42 12.93 -14.82
C3D NAP K . -3.85 14.71 -14.86
O3D NAP K . -3.57 15.22 -13.58
C2D NAP K . -3.13 13.40 -15.09
O2D NAP K . -1.92 13.32 -14.41
C1D NAP K . -4.14 12.36 -14.61
N1N NAP K . -3.97 11.08 -15.34
C2N NAP K . -4.33 10.98 -16.66
C3N NAP K . -4.16 9.76 -17.33
C7N NAP K . -4.56 9.62 -18.77
O7N NAP K . -4.50 8.33 -19.35
N7N NAP K . -4.92 10.69 -19.47
C4N NAP K . -3.63 8.68 -16.65
C5N NAP K . -3.26 8.80 -15.32
C6N NAP K . -3.44 10.02 -14.68
P2B NAP K . -3.35 24.18 -21.13
O1X NAP K . -4.28 25.36 -20.95
O2X NAP K . -3.78 23.32 -22.29
O3X NAP K . -1.95 24.67 -21.36
S1 DTT L . 4.48 5.20 -20.92
C1 DTT L . 4.26 6.40 -22.24
C2 DTT L . 5.45 6.44 -23.20
O2 DTT L . 6.67 6.69 -22.49
C3 DTT L . 5.26 7.48 -24.31
O3 DTT L . 6.29 7.30 -25.29
C4 DTT L . 5.30 8.92 -23.80
S4 DTT L . 3.69 9.74 -23.91
#